data_4FWT
#
_entry.id   4FWT
#
_cell.length_a   137.514
_cell.length_b   255.047
_cell.length_c   100.909
_cell.angle_alpha   90.00
_cell.angle_beta   90.00
_cell.angle_gamma   90.00
#
_symmetry.space_group_name_H-M   'C 2 2 21'
#
loop_
_entity.id
_entity.type
_entity.pdbx_description
1 polymer 'Elongation factor Ts, Elongation factor Tu, LINKER, Q beta replicase'
2 polymer "RNA (5'-R(*C*CP*CP*UP*AP*CP*CP*C)-3')"
3 polymer "RNA (5'-R(*GP*GP*GP*UP*AP*GP*GP*G)-3')"
4 non-polymer "GUANOSINE-5'-TRIPHOSPHATE"
5 non-polymer 'CALCIUM ION'
6 water water
#
loop_
_entity_poly.entity_id
_entity_poly.type
_entity_poly.pdbx_seq_one_letter_code
_entity_poly.pdbx_strand_id
1 'polypeptide(L)'
;MAEITASLVKELRERTGAGMMDCKKALTEANGDIELAIENMRKSGAIKAAKKAGNVAADGVIKTKIDGNYGIILEVNCQT
DFVAKDAGFQAFADKVLDAAVAGKITDVEVLKAQFEEERVALVAKIGENINIRRVAALEGDVLGSYQHGARIGVLVAAKG
ADEELVKHIAMHVAASKPEFIKPEDVSAEVVEKEYQVQLDIAMQSGKPKEIAEKMVEGRMKKFTGEVSLTGQPFVMEPSK
TVGQLLKEHNAEVTGFIRFEVGEGIEKVETDFAAEVAAMSKQSHMSKEKFERTKPHVNVGTIGHVDHGKTTLTAAITTVL
AKTYGGAARAFDQIDNAPEEKARGITINTSHVEYDTPTRHYAHVDCPGHADYVKNMITGAAQMDGAILVVAATDGPMPQT
REHILLGRQVGVPYIIVFLNKCDMVDDEELLELVEMEVRELLSQYDFPGDDTPIVRGSALKALEGDAEWEAKILELAGFL
DSYIPEPERAIDKPFLLPIEDVFSISGRGTVVTGRVERGIIKVGEEVEIVGIKETQKSTCTGVEMFRKLLDEGRAGENVG
VLLRGIKREEIERGQVLAKPGTIKPHTKFESEVYILSKDEGGRHTPFFKGYRPQFYFRTTDVTGTIELPEGVEMVMPGDN
IKMVVTLIHPIAMDDGLRFAIREGGRTVGAGVVAKVLSGASGAAGGGGSGGGGSMSKTASSRNSLSAQLRRAANTRIEVE
GNLALSIANDLLLAYGQSPFNSEAECISFSPRFDGTPDDFRINYLKAEIMSKYDDFSLGIDTEAVAWEKFLAAEAECALT
NARLYRPDYSEDFNFSLGESCIHMARRKIAKLIGDVPSVEGMLRHCRFSGGATTTNNRSYGHPSFKFALPQACTPRALKY
VLALRASTHFDIRISDISPFNKAVTVPKNSKTDRCIAIEPGWNMFFQLGIGGILRDRLRCWGIDLNDQTINQRRAHEGSV
TNNLATVDLSAASDSISLALCELLLPPGWFEVLMDLRSPKGRLPDGSVVTYEKISSMGNGYTFELESLIFASLARSVCEI
LDLDSSEVTVYGDDIILPSCAVPALREVFKYVGFTTNTKKTFSEGPFRESCGKHYYSGVDVTPFYIRHRIVSPADLILVL
NNLYRWATIDGVWDPRAHSVYLKYRKLLPKQLQRNTIPDGYGDGALVGSVLINPFAKNRGWIRYVPVITDHTRDRERAEL
GSYLYDLFSRCLSESNDGLPLRGPSGCDSADLFAIDQLICRSNPTKISRSTGKFDIQYIACSSRVLAPYGVFQGTKVASL
HEAHHHHHH
;
A
2 'polyribonucleotide' CCCUACCC G
3 'polyribonucleotide' GGGUAGGG T
#
# COMPACT_ATOMS: atom_id res chain seq x y z
N ALA A 2 -25.03 -47.18 23.94
CA ALA A 2 -24.13 -47.87 24.90
C ALA A 2 -23.87 -49.31 24.44
N GLU A 3 -22.62 -49.74 24.52
CA GLU A 3 -22.20 -51.11 24.14
C GLU A 3 -21.44 -51.80 25.28
N ILE A 4 -20.13 -51.55 25.33
CA ILE A 4 -19.30 -51.98 26.44
C ILE A 4 -19.02 -50.76 27.32
N THR A 5 -18.46 -50.98 28.51
CA THR A 5 -18.22 -49.90 29.48
C THR A 5 -17.34 -48.79 28.93
N ALA A 6 -17.69 -47.55 29.28
CA ALA A 6 -16.93 -46.39 28.87
C ALA A 6 -15.60 -46.32 29.64
N SER A 7 -15.57 -47.01 30.78
CA SER A 7 -14.44 -47.02 31.70
C SER A 7 -13.07 -47.13 31.05
N LEU A 8 -12.61 -48.36 30.87
CA LEU A 8 -11.25 -48.57 30.40
C LEU A 8 -11.11 -48.46 28.87
N VAL A 9 -11.99 -47.71 28.21
CA VAL A 9 -11.71 -47.27 26.84
C VAL A 9 -10.51 -46.32 26.96
N LYS A 10 -10.43 -45.67 28.12
CA LYS A 10 -9.30 -44.84 28.50
C LYS A 10 -8.00 -45.65 28.50
N GLU A 11 -8.13 -46.92 28.85
CA GLU A 11 -6.97 -47.81 28.91
C GLU A 11 -6.40 -47.91 27.51
N LEU A 12 -7.29 -47.81 26.53
CA LEU A 12 -6.86 -47.79 25.14
C LEU A 12 -6.18 -46.45 24.88
N ARG A 13 -6.93 -45.36 24.97
CA ARG A 13 -6.39 -44.02 24.73
C ARG A 13 -5.02 -43.73 25.35
N GLU A 14 -4.91 -43.78 26.68
CA GLU A 14 -3.63 -43.44 27.31
C GLU A 14 -2.55 -44.55 27.24
N ARG A 15 -2.80 -45.63 26.50
CA ARG A 15 -1.73 -46.57 26.15
C ARG A 15 -1.50 -46.50 24.63
N THR A 16 -2.51 -45.99 23.94
CA THR A 16 -2.50 -45.81 22.49
C THR A 16 -2.36 -44.32 22.15
N GLY A 17 -3.49 -43.63 22.16
CA GLY A 17 -3.52 -42.21 21.80
C GLY A 17 -4.51 -42.00 20.67
N ALA A 18 -5.16 -43.08 20.27
CA ALA A 18 -6.13 -43.05 19.18
C ALA A 18 -7.38 -42.25 19.54
N GLY A 19 -8.42 -42.39 18.73
CA GLY A 19 -9.67 -41.69 18.96
C GLY A 19 -10.44 -42.31 20.10
N MET A 20 -11.47 -41.62 20.58
CA MET A 20 -12.29 -42.20 21.63
C MET A 20 -13.13 -43.34 21.06
N MET A 21 -13.92 -43.03 20.04
CA MET A 21 -14.80 -44.04 19.44
C MET A 21 -14.08 -44.96 18.49
N ASP A 22 -12.97 -44.50 17.93
CA ASP A 22 -12.10 -45.41 17.20
C ASP A 22 -11.52 -46.45 18.15
N CYS A 23 -11.55 -46.16 19.45
CA CYS A 23 -11.11 -47.09 20.47
C CYS A 23 -12.24 -48.04 20.89
N LYS A 24 -13.42 -47.49 21.13
CA LYS A 24 -14.56 -48.31 21.54
C LYS A 24 -15.03 -49.20 20.39
N LYS A 25 -14.98 -48.69 19.17
CA LYS A 25 -15.42 -49.48 18.02
C LYS A 25 -14.37 -50.51 17.58
N ALA A 26 -13.12 -50.32 18.01
CA ALA A 26 -12.08 -51.33 17.75
C ALA A 26 -11.93 -52.24 18.96
N LEU A 27 -12.94 -52.23 19.81
CA LEU A 27 -12.99 -53.03 21.04
C LEU A 27 -14.28 -53.86 20.99
N THR A 28 -15.28 -53.30 20.30
CA THR A 28 -16.56 -53.96 20.09
C THR A 28 -16.37 -55.16 19.17
N GLU A 29 -15.33 -55.08 18.34
CA GLU A 29 -14.94 -56.19 17.49
C GLU A 29 -13.55 -56.70 17.89
N ALA A 30 -13.32 -56.73 19.20
CA ALA A 30 -12.07 -57.23 19.78
C ALA A 30 -12.34 -58.07 21.03
N ASN A 31 -13.62 -58.23 21.37
CA ASN A 31 -14.05 -59.08 22.49
C ASN A 31 -13.44 -58.60 23.81
N GLY A 32 -13.67 -57.33 24.14
CA GLY A 32 -13.20 -56.72 25.38
C GLY A 32 -11.75 -56.95 25.72
N ASP A 33 -10.92 -57.09 24.69
CA ASP A 33 -9.50 -57.41 24.89
C ASP A 33 -8.66 -56.15 24.65
N ILE A 34 -7.45 -56.14 25.24
CA ILE A 34 -6.56 -54.99 25.09
C ILE A 34 -5.74 -55.08 23.82
N GLU A 35 -4.70 -55.91 23.87
CA GLU A 35 -3.71 -56.06 22.80
C GLU A 35 -4.34 -56.22 21.41
N LEU A 36 -5.18 -57.25 21.25
CA LEU A 36 -5.79 -57.55 19.95
C LEU A 36 -6.74 -56.43 19.50
N ALA A 37 -7.15 -55.58 20.44
CA ALA A 37 -7.87 -54.37 20.07
C ALA A 37 -6.88 -53.36 19.49
N ILE A 38 -5.71 -53.25 20.12
CA ILE A 38 -4.68 -52.33 19.65
C ILE A 38 -4.08 -52.77 18.30
N GLU A 39 -4.15 -54.08 18.04
CA GLU A 39 -3.60 -54.63 16.81
C GLU A 39 -4.54 -54.39 15.65
N ASN A 40 -5.79 -54.10 15.96
CA ASN A 40 -6.75 -53.63 14.97
C ASN A 40 -6.33 -52.24 14.59
N MET A 41 -6.08 -51.44 15.61
CA MET A 41 -5.66 -50.06 15.44
C MET A 41 -4.36 -50.03 14.67
N ARG A 42 -3.42 -50.90 15.07
CA ARG A 42 -2.11 -50.96 14.42
C ARG A 42 -2.24 -51.34 12.94
N LYS A 43 -3.20 -52.20 12.60
CA LYS A 43 -3.43 -52.58 11.21
C LYS A 43 -4.44 -51.65 10.50
N SER A 44 -5.46 -51.21 11.24
CA SER A 44 -6.43 -50.24 10.70
C SER A 44 -5.99 -48.81 11.04
N GLY A 45 -4.67 -48.61 11.11
CA GLY A 45 -4.10 -47.29 11.36
C GLY A 45 -3.34 -46.85 10.14
N ALA A 46 -2.95 -47.81 9.31
CA ALA A 46 -2.31 -47.53 8.03
C ALA A 46 -3.37 -47.24 6.96
N ILE A 47 -4.59 -47.71 7.20
CA ILE A 47 -5.71 -47.48 6.29
C ILE A 47 -6.12 -46.01 6.33
N LYS A 48 -6.08 -45.44 7.53
CA LYS A 48 -6.36 -44.04 7.73
C LYS A 48 -5.12 -43.26 7.35
N ALA A 49 -3.96 -43.86 7.58
CA ALA A 49 -2.68 -43.21 7.28
C ALA A 49 -2.51 -43.03 5.78
N ALA A 50 -3.07 -43.96 5.02
CA ALA A 50 -3.07 -43.82 3.57
C ALA A 50 -4.30 -43.06 3.09
N LYS A 51 -5.27 -42.80 3.98
CA LYS A 51 -6.40 -41.90 3.73
C LYS A 51 -5.86 -40.46 3.59
N LYS A 52 -4.64 -40.31 4.07
CA LYS A 52 -3.89 -39.07 4.04
C LYS A 52 -2.99 -39.03 2.81
N ALA A 53 -3.43 -38.30 1.80
CA ALA A 53 -2.73 -38.20 0.52
C ALA A 53 -3.45 -37.14 -0.32
N GLY A 54 -4.72 -36.95 0.00
CA GLY A 54 -5.55 -35.88 -0.57
C GLY A 54 -5.65 -34.78 0.47
N ASN A 55 -4.78 -34.89 1.47
CA ASN A 55 -4.53 -33.87 2.45
C ASN A 55 -3.14 -33.33 2.21
N VAL A 56 -3.05 -32.17 1.58
CA VAL A 56 -1.74 -31.58 1.25
C VAL A 56 -0.99 -31.09 2.50
N ALA A 57 0.28 -31.50 2.64
CA ALA A 57 1.13 -31.11 3.78
C ALA A 57 2.01 -29.87 3.47
N ALA A 58 1.52 -28.70 3.89
CA ALA A 58 2.09 -27.39 3.53
C ALA A 58 2.97 -26.82 4.62
N ASP A 59 2.81 -27.36 5.82
CA ASP A 59 3.55 -26.88 6.97
C ASP A 59 4.64 -27.87 7.24
N GLY A 60 5.10 -27.89 8.48
CA GLY A 60 6.13 -28.80 8.91
C GLY A 60 7.29 -28.10 9.57
N VAL A 61 8.40 -28.82 9.71
CA VAL A 61 9.62 -28.23 10.26
C VAL A 61 10.82 -28.57 9.40
N ILE A 62 11.94 -27.90 9.70
CA ILE A 62 13.25 -28.39 9.28
C ILE A 62 14.05 -28.56 10.56
N LYS A 63 14.91 -29.56 10.53
CA LYS A 63 15.79 -29.86 11.64
C LYS A 63 17.18 -30.07 11.04
N THR A 64 18.22 -29.77 11.82
CA THR A 64 19.59 -29.84 11.30
C THR A 64 20.60 -30.39 12.33
N LYS A 65 21.53 -31.23 11.86
CA LYS A 65 22.58 -31.79 12.72
C LYS A 65 23.98 -31.91 12.08
N ILE A 66 24.99 -31.82 12.94
CA ILE A 66 26.39 -31.83 12.52
C ILE A 66 27.28 -32.60 13.51
N ASP A 67 28.26 -33.33 13.00
CA ASP A 67 29.20 -34.02 13.87
C ASP A 67 30.61 -33.86 13.33
N GLY A 68 31.48 -33.22 14.10
CA GLY A 68 32.82 -32.89 13.66
C GLY A 68 32.80 -32.00 12.44
N ASN A 69 32.61 -32.62 11.27
CA ASN A 69 32.46 -31.90 10.02
C ASN A 69 31.59 -32.66 9.03
N TYR A 70 30.48 -33.18 9.53
CA TYR A 70 29.51 -33.92 8.73
C TYR A 70 28.12 -33.41 9.07
N GLY A 71 27.49 -32.75 8.10
CA GLY A 71 26.25 -32.03 8.36
C GLY A 71 25.05 -32.56 7.61
N ILE A 72 23.88 -32.42 8.22
CA ILE A 72 22.65 -33.00 7.67
C ILE A 72 21.42 -32.12 7.96
N ILE A 73 20.54 -32.01 6.97
CA ILE A 73 19.33 -31.21 7.06
C ILE A 73 18.11 -32.13 6.93
N LEU A 74 16.90 -31.59 7.09
CA LEU A 74 15.70 -32.40 7.01
C LEU A 74 14.47 -31.59 6.61
N GLU A 75 13.43 -32.27 6.13
CA GLU A 75 12.21 -31.58 5.77
C GLU A 75 10.98 -32.39 6.14
N VAL A 76 11.06 -33.12 7.25
CA VAL A 76 9.89 -33.80 7.80
C VAL A 76 8.77 -32.80 7.99
N ASN A 77 7.60 -33.06 7.39
CA ASN A 77 6.57 -32.04 7.43
C ASN A 77 5.13 -32.53 7.59
N CYS A 78 4.34 -31.74 8.32
CA CYS A 78 2.92 -32.03 8.54
C CYS A 78 2.05 -31.14 7.65
N GLN A 79 0.79 -31.00 8.03
CA GLN A 79 -0.06 -30.03 7.35
C GLN A 79 -0.55 -28.87 8.23
N THR A 80 0.08 -28.68 9.40
CA THR A 80 -0.31 -27.60 10.34
C THR A 80 0.79 -27.12 11.31
N ASP A 81 0.93 -25.79 11.42
CA ASP A 81 1.82 -25.17 12.41
C ASP A 81 1.73 -25.86 13.75
N PHE A 82 0.55 -25.76 14.37
CA PHE A 82 0.30 -26.28 15.73
C PHE A 82 0.91 -27.65 15.97
N VAL A 83 0.85 -28.50 14.95
CA VAL A 83 1.42 -29.83 15.04
C VAL A 83 2.94 -29.76 15.12
N ALA A 84 3.53 -29.06 14.16
CA ALA A 84 4.99 -28.91 14.12
C ALA A 84 5.58 -28.40 15.44
N LYS A 85 4.86 -27.52 16.14
CA LYS A 85 5.36 -26.89 17.38
C LYS A 85 5.08 -27.71 18.64
N ASP A 86 4.41 -28.84 18.45
CA ASP A 86 4.01 -29.69 19.56
C ASP A 86 5.07 -30.73 19.89
N ALA A 87 5.07 -31.18 21.14
CA ALA A 87 6.07 -32.11 21.64
C ALA A 87 6.01 -33.55 21.08
N GLY A 88 5.18 -33.78 20.07
CA GLY A 88 5.11 -35.09 19.45
C GLY A 88 5.79 -35.11 18.10
N PHE A 89 5.33 -34.22 17.21
CA PHE A 89 5.91 -34.02 15.88
C PHE A 89 7.36 -33.63 16.07
N GLN A 90 7.65 -33.01 17.19
CA GLN A 90 9.02 -32.68 17.52
C GLN A 90 9.81 -33.95 17.80
N ALA A 91 9.27 -34.81 18.67
CA ALA A 91 9.97 -36.02 19.09
C ALA A 91 10.26 -36.99 17.94
N PHE A 92 9.25 -37.23 17.10
CA PHE A 92 9.42 -38.08 15.93
C PHE A 92 10.46 -37.48 14.99
N ALA A 93 10.28 -36.22 14.62
CA ALA A 93 11.14 -35.54 13.64
C ALA A 93 12.58 -35.37 14.12
N ASP A 94 12.75 -35.26 15.43
CA ASP A 94 14.06 -35.20 16.07
C ASP A 94 14.69 -36.57 15.98
N LYS A 95 13.90 -37.58 16.31
CA LYS A 95 14.32 -38.97 16.18
C LYS A 95 14.74 -39.24 14.75
N VAL A 96 13.85 -39.00 13.79
CA VAL A 96 14.13 -39.24 12.37
C VAL A 96 15.26 -38.36 11.84
N LEU A 97 15.70 -37.39 12.63
CA LEU A 97 16.85 -36.57 12.27
C LEU A 97 18.18 -37.18 12.73
N ASP A 98 18.27 -37.55 14.00
CA ASP A 98 19.49 -38.17 14.51
C ASP A 98 19.69 -39.62 14.00
N ALA A 99 18.71 -40.10 13.21
CA ALA A 99 18.80 -41.38 12.49
C ALA A 99 19.67 -41.22 11.25
N ALA A 100 19.76 -39.98 10.77
CA ALA A 100 20.68 -39.62 9.70
C ALA A 100 22.06 -39.21 10.24
N VAL A 101 22.14 -38.94 11.55
CA VAL A 101 23.42 -38.64 12.19
C VAL A 101 24.32 -39.87 12.25
N ALA A 102 23.83 -40.93 12.87
CA ALA A 102 24.51 -42.22 12.87
C ALA A 102 24.77 -42.66 11.43
N GLY A 103 23.68 -42.88 10.71
CA GLY A 103 23.76 -43.33 9.33
C GLY A 103 23.60 -42.20 8.34
N LYS A 104 24.67 -41.88 7.62
CA LYS A 104 24.61 -40.88 6.56
C LYS A 104 23.59 -41.28 5.49
N ILE A 105 22.31 -41.12 5.82
CA ILE A 105 21.22 -41.46 4.91
C ILE A 105 20.93 -40.29 3.97
N THR A 106 21.24 -40.49 2.69
CA THR A 106 20.97 -39.49 1.67
C THR A 106 19.68 -39.83 0.95
N ASP A 107 19.53 -41.11 0.59
CA ASP A 107 18.29 -41.59 -0.01
C ASP A 107 17.17 -41.42 1.03
N VAL A 108 16.23 -40.52 0.75
CA VAL A 108 15.11 -40.30 1.66
C VAL A 108 14.28 -41.56 1.78
N GLU A 109 14.16 -42.26 0.65
CA GLU A 109 13.44 -43.52 0.54
C GLU A 109 13.81 -44.45 1.67
N VAL A 110 15.09 -44.44 2.04
CA VAL A 110 15.61 -45.26 3.13
C VAL A 110 14.91 -45.01 4.46
N LEU A 111 14.94 -43.79 4.95
CA LEU A 111 14.31 -43.52 6.24
C LEU A 111 12.81 -43.23 6.12
N LYS A 112 12.36 -42.85 4.92
CA LYS A 112 10.93 -42.71 4.68
C LYS A 112 10.22 -44.06 4.92
N ALA A 113 10.97 -45.15 4.72
CA ALA A 113 10.48 -46.51 4.94
C ALA A 113 10.81 -47.03 6.34
N GLN A 114 11.99 -46.64 6.83
CA GLN A 114 12.52 -47.11 8.10
C GLN A 114 11.68 -46.66 9.32
N PHE A 115 10.66 -45.83 9.06
CA PHE A 115 9.77 -45.35 10.12
C PHE A 115 8.31 -45.33 9.69
N GLU A 116 8.00 -45.94 8.55
CA GLU A 116 6.65 -45.96 8.01
C GLU A 116 5.68 -46.62 8.99
N GLU A 117 6.18 -47.59 9.75
CA GLU A 117 5.36 -48.29 10.74
C GLU A 117 5.18 -47.46 12.01
N GLU A 118 5.99 -46.41 12.14
CA GLU A 118 5.84 -45.47 13.25
C GLU A 118 5.24 -44.16 12.78
N ARG A 119 5.42 -43.86 11.49
CA ARG A 119 4.82 -42.69 10.87
C ARG A 119 3.29 -42.77 11.00
N VAL A 120 2.80 -44.00 11.11
CA VAL A 120 1.38 -44.26 11.23
C VAL A 120 0.90 -44.14 12.68
N ALA A 121 1.82 -44.41 13.62
CA ALA A 121 1.51 -44.35 15.05
C ALA A 121 1.02 -42.96 15.46
N LEU A 122 1.34 -41.97 14.63
CA LEU A 122 1.04 -40.60 14.99
C LEU A 122 -0.10 -40.02 14.16
N VAL A 123 -0.15 -40.33 12.88
CA VAL A 123 -1.27 -39.86 12.06
C VAL A 123 -2.58 -40.53 12.52
N ALA A 124 -2.45 -41.67 13.20
CA ALA A 124 -3.60 -42.32 13.82
C ALA A 124 -3.92 -41.57 15.10
N LYS A 125 -2.86 -41.11 15.76
CA LYS A 125 -2.98 -40.33 16.97
C LYS A 125 -3.48 -38.91 16.68
N ILE A 126 -2.88 -38.26 15.67
CA ILE A 126 -3.22 -36.88 15.26
C ILE A 126 -4.37 -36.77 14.26
N GLY A 127 -4.08 -37.02 12.99
CA GLY A 127 -5.05 -36.86 11.93
C GLY A 127 -4.57 -35.94 10.82
N GLU A 128 -3.27 -36.00 10.50
CA GLU A 128 -2.68 -35.20 9.42
C GLU A 128 -1.56 -35.94 8.64
N ASN A 129 -1.52 -35.78 7.32
CA ASN A 129 -0.52 -36.46 6.46
C ASN A 129 0.92 -36.14 6.84
N ILE A 130 1.35 -36.62 8.00
CA ILE A 130 2.70 -36.40 8.46
C ILE A 130 3.67 -37.23 7.62
N ASN A 131 4.30 -36.60 6.65
CA ASN A 131 5.20 -37.29 5.72
C ASN A 131 6.51 -36.55 5.58
N ILE A 132 7.60 -37.28 5.42
CA ILE A 132 8.89 -36.65 5.19
C ILE A 132 8.96 -36.22 3.73
N ARG A 133 9.51 -35.03 3.49
CA ARG A 133 9.54 -34.50 2.13
C ARG A 133 10.89 -34.70 1.49
N ARG A 134 11.94 -34.22 2.14
CA ARG A 134 13.26 -34.36 1.58
C ARG A 134 14.35 -34.42 2.63
N VAL A 135 15.51 -34.85 2.19
CA VAL A 135 16.68 -34.89 3.05
C VAL A 135 17.93 -34.83 2.16
N ALA A 136 19.00 -34.27 2.71
CA ALA A 136 20.28 -34.16 2.04
C ALA A 136 21.35 -33.83 3.10
N ALA A 137 22.61 -33.99 2.75
CA ALA A 137 23.69 -33.77 3.71
C ALA A 137 24.96 -33.30 3.01
N LEU A 138 25.79 -32.53 3.70
CA LEU A 138 27.08 -32.14 3.12
C LEU A 138 28.30 -32.26 4.03
N GLU A 139 29.35 -32.85 3.46
CA GLU A 139 30.63 -33.06 4.12
C GLU A 139 31.56 -31.95 3.69
N GLY A 140 32.55 -31.65 4.53
CA GLY A 140 33.58 -30.69 4.13
C GLY A 140 34.60 -30.47 5.21
N ASP A 141 35.35 -29.39 5.06
CA ASP A 141 36.25 -28.94 6.11
C ASP A 141 35.45 -28.41 7.29
N VAL A 142 35.13 -27.12 7.26
CA VAL A 142 34.28 -26.51 8.29
C VAL A 142 32.89 -26.23 7.71
N LEU A 143 31.88 -26.83 8.31
CA LEU A 143 30.52 -26.62 7.86
C LEU A 143 29.64 -26.14 8.99
N GLY A 144 29.03 -24.97 8.78
CA GLY A 144 28.17 -24.38 9.80
C GLY A 144 26.72 -24.44 9.39
N SER A 145 25.85 -24.27 10.38
CA SER A 145 24.41 -24.33 10.17
C SER A 145 23.69 -23.32 11.07
N TYR A 146 22.91 -22.43 10.45
CA TYR A 146 22.01 -21.53 11.17
C TYR A 146 20.55 -21.99 10.96
N GLN A 147 19.82 -22.19 12.06
CA GLN A 147 18.42 -22.58 11.94
C GLN A 147 17.51 -21.42 12.28
N HIS A 148 16.76 -20.94 11.29
CA HIS A 148 15.83 -19.84 11.52
C HIS A 148 14.55 -20.38 12.15
N GLY A 149 14.64 -20.66 13.45
CA GLY A 149 13.52 -21.11 14.26
C GLY A 149 13.01 -22.50 13.96
N ALA A 150 12.42 -22.66 12.80
CA ALA A 150 11.80 -23.92 12.41
C ALA A 150 11.58 -23.94 10.91
N ARG A 151 11.25 -22.78 10.34
CA ARG A 151 10.81 -22.68 8.95
C ARG A 151 11.93 -22.77 7.95
N ILE A 152 13.10 -22.26 8.31
CA ILE A 152 14.20 -22.25 7.37
C ILE A 152 15.45 -22.88 7.97
N GLY A 153 16.01 -23.84 7.24
CA GLY A 153 17.26 -24.48 7.62
C GLY A 153 18.31 -24.37 6.54
N VAL A 154 19.52 -24.01 6.94
CA VAL A 154 20.63 -23.89 6.00
C VAL A 154 21.87 -24.62 6.50
N LEU A 155 22.48 -25.39 5.60
CA LEU A 155 23.73 -26.07 5.89
C LEU A 155 24.75 -25.55 4.90
N VAL A 156 25.83 -24.97 5.39
CA VAL A 156 26.87 -24.43 4.52
C VAL A 156 28.26 -24.85 4.95
N ALA A 157 29.13 -25.14 3.98
CA ALA A 157 30.47 -25.64 4.25
C ALA A 157 31.58 -24.75 3.69
N ALA A 158 32.51 -24.38 4.58
CA ALA A 158 33.53 -23.38 4.26
C ALA A 158 34.94 -23.96 4.30
N LYS A 159 35.91 -23.05 4.45
CA LYS A 159 37.34 -23.38 4.54
C LYS A 159 38.15 -22.15 4.95
N GLY A 160 38.60 -22.14 6.19
CA GLY A 160 39.34 -21.00 6.72
C GLY A 160 38.38 -20.18 7.56
N ALA A 161 37.20 -20.75 7.76
CA ALA A 161 36.10 -20.09 8.46
C ALA A 161 35.65 -20.86 9.71
N ASP A 162 35.00 -20.15 10.63
CA ASP A 162 34.55 -20.72 11.90
C ASP A 162 33.19 -20.19 12.31
N GLU A 163 32.80 -20.44 13.57
CA GLU A 163 31.52 -19.98 14.08
C GLU A 163 31.35 -18.46 13.96
N GLU A 164 32.48 -17.74 13.94
CA GLU A 164 32.50 -16.29 13.68
C GLU A 164 32.34 -16.00 12.18
N LEU A 165 31.84 -16.98 11.43
CA LEU A 165 31.68 -16.85 9.99
C LEU A 165 30.54 -17.72 9.49
N VAL A 166 30.78 -19.04 9.40
CA VAL A 166 29.82 -19.99 8.81
C VAL A 166 28.44 -19.82 9.41
N LYS A 167 28.40 -19.37 10.65
CA LYS A 167 27.14 -18.93 11.23
C LYS A 167 26.63 -17.74 10.43
N HIS A 168 27.48 -16.72 10.29
CA HIS A 168 27.08 -15.44 9.70
C HIS A 168 26.75 -15.51 8.22
N ILE A 169 27.42 -16.42 7.52
CA ILE A 169 27.15 -16.61 6.09
C ILE A 169 25.95 -17.53 5.85
N ALA A 170 25.76 -18.52 6.74
CA ALA A 170 24.56 -19.36 6.67
C ALA A 170 23.34 -18.47 6.87
N MET A 171 23.52 -17.45 7.71
CA MET A 171 22.51 -16.43 7.93
C MET A 171 22.19 -15.69 6.67
N HIS A 172 23.24 -15.26 5.98
CA HIS A 172 23.08 -14.70 4.64
C HIS A 172 22.38 -15.66 3.67
N VAL A 173 22.80 -16.93 3.63
CA VAL A 173 22.18 -17.93 2.74
C VAL A 173 20.71 -18.13 3.10
N ALA A 174 20.46 -18.15 4.40
CA ALA A 174 19.11 -18.19 4.93
C ALA A 174 18.39 -16.93 4.49
N ALA A 175 19.03 -15.78 4.69
CA ALA A 175 18.42 -14.50 4.37
C ALA A 175 18.28 -14.24 2.86
N SER A 176 19.38 -14.31 2.12
CA SER A 176 19.40 -13.87 0.72
C SER A 176 18.85 -14.89 -0.28
N LYS A 177 18.91 -16.17 0.10
CA LYS A 177 18.49 -17.35 -0.71
C LYS A 177 19.10 -17.57 -2.12
N PRO A 178 20.44 -17.76 -2.18
CA PRO A 178 21.10 -18.08 -3.46
C PRO A 178 20.87 -19.54 -3.86
N GLU A 179 20.59 -19.75 -5.14
CA GLU A 179 20.44 -21.10 -5.71
C GLU A 179 21.81 -21.71 -6.04
N PHE A 180 22.72 -20.89 -6.54
CA PHE A 180 24.08 -21.34 -6.86
C PHE A 180 25.05 -20.68 -5.91
N ILE A 181 26.32 -20.74 -6.23
CA ILE A 181 27.33 -20.13 -5.37
C ILE A 181 28.22 -19.15 -6.14
N LYS A 182 28.49 -19.43 -7.41
CA LYS A 182 29.32 -18.56 -8.24
C LYS A 182 28.62 -18.25 -9.54
N PRO A 183 28.97 -17.11 -10.17
CA PRO A 183 28.47 -16.81 -11.52
C PRO A 183 28.90 -17.85 -12.58
N GLU A 184 29.95 -18.62 -12.26
CA GLU A 184 30.50 -19.64 -13.16
C GLU A 184 29.81 -20.98 -12.99
N ASP A 185 28.94 -21.04 -11.97
CA ASP A 185 28.20 -22.26 -11.62
C ASP A 185 26.88 -22.38 -12.35
N VAL A 186 26.92 -22.29 -13.68
CA VAL A 186 25.71 -22.41 -14.47
C VAL A 186 25.98 -23.26 -15.70
N SER A 187 24.92 -23.77 -16.30
CA SER A 187 25.02 -24.56 -17.51
C SER A 187 24.89 -23.65 -18.72
N ALA A 188 25.77 -23.81 -19.70
CA ALA A 188 25.71 -23.02 -20.93
C ALA A 188 24.42 -23.27 -21.74
N GLU A 189 23.47 -23.97 -21.10
CA GLU A 189 22.14 -24.18 -21.66
C GLU A 189 21.11 -23.32 -20.93
N VAL A 190 21.20 -23.26 -19.59
CA VAL A 190 20.35 -22.35 -18.79
C VAL A 190 20.75 -20.89 -19.06
N VAL A 191 22.00 -20.68 -19.48
CA VAL A 191 22.52 -19.37 -19.87
C VAL A 191 22.03 -18.99 -21.27
N GLU A 192 22.34 -19.82 -22.27
CA GLU A 192 21.92 -19.56 -23.66
C GLU A 192 20.42 -19.77 -23.89
N LYS A 193 19.69 -20.03 -22.81
CA LYS A 193 18.23 -19.95 -22.79
C LYS A 193 17.79 -18.49 -22.87
N GLU A 194 18.03 -17.74 -21.78
CA GLU A 194 17.70 -16.32 -21.72
C GLU A 194 18.57 -15.49 -22.65
N TYR A 195 19.74 -16.00 -23.02
CA TYR A 195 20.62 -15.31 -23.97
C TYR A 195 20.04 -15.34 -25.38
N GLN A 196 19.14 -16.29 -25.64
CA GLN A 196 18.37 -16.32 -26.87
C GLN A 196 16.92 -15.85 -26.65
N VAL A 197 16.51 -15.75 -25.38
CA VAL A 197 15.18 -15.24 -25.01
C VAL A 197 15.10 -13.69 -25.03
N GLN A 198 16.20 -13.02 -24.64
CA GLN A 198 16.25 -11.56 -24.60
C GLN A 198 16.73 -10.97 -25.93
N LEU A 199 17.55 -11.74 -26.64
CA LEU A 199 18.19 -11.29 -27.89
C LEU A 199 17.18 -10.88 -28.95
N ASP A 200 16.00 -11.51 -28.94
CA ASP A 200 14.93 -11.16 -29.86
C ASP A 200 14.16 -9.96 -29.32
N ILE A 201 13.75 -10.09 -28.06
CA ILE A 201 13.17 -8.99 -27.28
C ILE A 201 13.94 -7.72 -27.60
N ALA A 202 15.26 -7.82 -27.48
CA ALA A 202 16.13 -6.70 -27.77
C ALA A 202 16.14 -6.38 -29.27
N MET A 203 16.56 -7.33 -30.11
CA MET A 203 16.81 -7.02 -31.53
C MET A 203 15.58 -6.56 -32.31
N GLN A 204 14.42 -7.03 -31.86
CA GLN A 204 13.13 -6.64 -32.42
C GLN A 204 12.98 -5.11 -32.38
N SER A 205 13.76 -4.47 -31.50
CA SER A 205 13.72 -3.03 -31.34
C SER A 205 14.51 -2.30 -32.43
N GLY A 206 15.51 -2.98 -33.00
CA GLY A 206 16.26 -2.41 -34.12
C GLY A 206 17.66 -2.02 -33.68
N LYS A 207 17.99 -2.43 -32.46
CA LYS A 207 19.27 -2.12 -31.87
C LYS A 207 20.33 -3.11 -32.38
N PRO A 208 21.47 -2.62 -32.93
CA PRO A 208 22.50 -3.51 -33.53
C PRO A 208 23.02 -4.70 -32.72
N LYS A 209 23.96 -5.37 -33.38
CA LYS A 209 24.80 -6.49 -32.83
C LYS A 209 25.13 -6.25 -31.36
N GLU A 210 26.27 -5.58 -31.19
CA GLU A 210 26.89 -5.23 -29.93
C GLU A 210 26.14 -4.10 -29.21
N ILE A 211 24.82 -4.13 -29.33
CA ILE A 211 23.94 -3.30 -28.50
C ILE A 211 23.13 -4.28 -27.69
N ALA A 212 22.26 -5.01 -28.39
CA ALA A 212 21.52 -6.12 -27.84
C ALA A 212 22.48 -7.12 -27.18
N GLU A 213 23.49 -7.55 -27.92
CA GLU A 213 24.48 -8.47 -27.39
C GLU A 213 25.12 -7.92 -26.11
N LYS A 214 25.49 -6.63 -26.14
CA LYS A 214 26.10 -5.98 -24.99
C LYS A 214 25.09 -5.93 -23.87
N MET A 215 23.93 -5.38 -24.20
CA MET A 215 22.87 -5.17 -23.23
C MET A 215 22.56 -6.47 -22.54
N VAL A 216 22.25 -7.49 -23.35
CA VAL A 216 21.79 -8.78 -22.84
C VAL A 216 22.86 -9.44 -21.98
N GLU A 217 24.10 -9.39 -22.44
CA GLU A 217 25.19 -10.04 -21.74
C GLU A 217 25.38 -9.42 -20.37
N GLY A 218 25.28 -8.10 -20.33
CA GLY A 218 25.44 -7.33 -19.10
C GLY A 218 24.30 -7.61 -18.14
N ARG A 219 23.08 -7.64 -18.68
CA ARG A 219 21.90 -7.97 -17.90
C ARG A 219 21.96 -9.40 -17.34
N MET A 220 22.37 -10.35 -18.17
CA MET A 220 22.55 -11.74 -17.73
C MET A 220 23.73 -11.84 -16.79
N LYS A 221 24.72 -10.98 -16.99
CA LYS A 221 25.83 -10.91 -16.08
C LYS A 221 25.30 -10.45 -14.72
N LYS A 222 24.30 -9.59 -14.72
CA LYS A 222 23.67 -9.18 -13.46
C LYS A 222 22.80 -10.30 -12.87
N PHE A 223 22.06 -11.00 -13.75
CA PHE A 223 21.15 -12.09 -13.38
C PHE A 223 21.90 -13.23 -12.70
N THR A 224 22.97 -13.63 -13.34
CA THR A 224 23.94 -14.52 -12.73
C THR A 224 24.40 -13.88 -11.43
N GLY A 225 24.90 -12.66 -11.53
CA GLY A 225 25.42 -11.94 -10.38
C GLY A 225 24.49 -11.88 -9.18
N GLU A 226 23.18 -11.87 -9.41
CA GLU A 226 22.19 -11.78 -8.33
C GLU A 226 22.25 -13.02 -7.45
N VAL A 227 21.95 -14.17 -8.05
CA VAL A 227 21.88 -15.47 -7.39
C VAL A 227 23.29 -15.94 -6.98
N SER A 228 24.29 -15.38 -7.66
CA SER A 228 25.68 -15.55 -7.29
C SER A 228 25.87 -15.24 -5.82
N LEU A 229 26.09 -16.26 -5.02
CA LEU A 229 26.52 -16.06 -3.64
C LEU A 229 27.76 -15.17 -3.65
N THR A 230 28.54 -15.27 -4.73
CA THR A 230 29.65 -14.37 -4.99
C THR A 230 29.17 -12.94 -5.14
N GLY A 231 28.36 -12.73 -6.18
CA GLY A 231 27.86 -11.41 -6.51
C GLY A 231 26.68 -10.99 -5.66
N GLN A 232 26.73 -11.35 -4.37
CA GLN A 232 25.64 -11.08 -3.44
C GLN A 232 26.13 -10.23 -2.26
N PRO A 233 25.56 -9.03 -2.09
CA PRO A 233 25.88 -8.20 -0.91
C PRO A 233 25.58 -8.91 0.42
N PHE A 234 26.64 -9.31 1.11
CA PHE A 234 26.55 -9.96 2.41
C PHE A 234 25.47 -9.30 3.25
N VAL A 235 24.59 -10.10 3.80
CA VAL A 235 23.39 -9.60 4.48
C VAL A 235 23.67 -8.76 5.76
N MET A 236 24.84 -8.94 6.36
CA MET A 236 25.25 -8.18 7.56
C MET A 236 26.13 -6.99 7.20
N GLU A 237 26.56 -6.95 5.95
CA GLU A 237 27.35 -5.83 5.45
C GLU A 237 27.07 -5.69 3.97
N PRO A 238 25.83 -5.27 3.63
CA PRO A 238 25.40 -5.24 2.22
C PRO A 238 26.09 -4.12 1.42
N SER A 239 27.36 -3.93 1.70
CA SER A 239 28.21 -2.99 1.00
C SER A 239 29.18 -3.84 0.20
N LYS A 240 29.84 -4.73 0.94
CA LYS A 240 30.70 -5.75 0.40
C LYS A 240 29.90 -7.02 0.12
N THR A 241 30.21 -7.69 -0.99
CA THR A 241 29.58 -8.95 -1.35
C THR A 241 30.09 -10.11 -0.46
N VAL A 242 29.40 -11.24 -0.47
CA VAL A 242 29.87 -12.41 0.27
C VAL A 242 31.15 -12.92 -0.39
N GLY A 243 31.07 -13.11 -1.70
CA GLY A 243 32.22 -13.54 -2.49
C GLY A 243 33.41 -12.64 -2.28
N GLN A 244 33.15 -11.33 -2.17
CA GLN A 244 34.19 -10.38 -1.86
C GLN A 244 34.61 -10.53 -0.39
N LEU A 245 33.63 -10.64 0.51
CA LEU A 245 33.89 -10.91 1.92
C LEU A 245 34.75 -12.16 2.11
N LEU A 246 34.50 -13.17 1.27
CA LEU A 246 35.26 -14.42 1.31
C LEU A 246 36.73 -14.27 0.91
N LYS A 247 36.97 -13.70 -0.27
CA LYS A 247 38.33 -13.47 -0.77
C LYS A 247 39.08 -12.45 0.11
N GLU A 248 38.36 -11.44 0.60
CA GLU A 248 38.93 -10.46 1.54
C GLU A 248 39.22 -11.09 2.89
N HIS A 249 38.42 -12.10 3.27
CA HIS A 249 38.75 -12.94 4.41
C HIS A 249 39.78 -13.95 3.97
N ASN A 250 40.30 -14.74 4.89
CA ASN A 250 41.32 -15.72 4.54
C ASN A 250 40.72 -17.00 3.95
N ALA A 251 39.43 -16.96 3.61
CA ALA A 251 38.63 -18.17 3.40
C ALA A 251 38.02 -18.39 2.01
N GLU A 252 37.25 -19.48 1.92
CA GLU A 252 36.62 -19.95 0.68
C GLU A 252 35.63 -21.11 0.94
N VAL A 253 34.33 -20.87 0.78
CA VAL A 253 33.35 -21.94 0.98
C VAL A 253 33.32 -22.90 -0.20
N THR A 254 32.73 -24.07 0.04
CA THR A 254 32.54 -25.05 -1.02
C THR A 254 31.05 -25.16 -1.34
N GLY A 255 30.30 -25.62 -0.35
CA GLY A 255 28.92 -25.96 -0.58
C GLY A 255 27.96 -25.44 0.46
N PHE A 256 26.68 -25.59 0.13
CA PHE A 256 25.57 -25.05 0.90
C PHE A 256 24.29 -25.82 0.64
N ILE A 257 23.56 -26.13 1.71
CA ILE A 257 22.21 -26.65 1.54
C ILE A 257 21.23 -25.70 2.22
N ARG A 258 20.14 -25.38 1.52
CA ARG A 258 19.05 -24.60 2.12
C ARG A 258 17.70 -25.19 1.81
N PHE A 259 16.94 -25.43 2.88
CA PHE A 259 15.54 -25.83 2.79
C PHE A 259 14.73 -24.75 3.52
N GLU A 260 13.52 -24.52 3.03
CA GLU A 260 12.52 -23.72 3.73
C GLU A 260 11.44 -24.79 4.01
N VAL A 261 10.18 -24.42 4.06
CA VAL A 261 9.11 -25.41 4.22
C VAL A 261 8.04 -25.09 3.19
N GLY A 262 7.51 -26.13 2.54
CA GLY A 262 6.49 -25.96 1.52
C GLY A 262 6.94 -25.34 0.22
N GLU A 263 8.19 -25.62 -0.18
CA GLU A 263 8.67 -25.21 -1.50
C GLU A 263 7.94 -26.07 -2.52
N GLY A 264 7.28 -25.40 -3.47
CA GLY A 264 6.66 -26.04 -4.62
C GLY A 264 5.37 -26.73 -4.18
N ILE A 265 5.20 -26.87 -2.87
CA ILE A 265 4.09 -27.66 -2.34
C ILE A 265 2.89 -26.84 -2.62
N GLU A 266 3.03 -26.07 -3.71
CA GLU A 266 2.08 -24.94 -4.04
C GLU A 266 0.59 -24.71 -3.40
N LYS A 267 -0.17 -25.66 -3.87
CA LYS A 267 -1.57 -25.68 -3.47
C LYS A 267 -2.43 -24.48 -3.95
N VAL A 268 -3.63 -24.34 -3.39
CA VAL A 268 -4.47 -23.24 -3.92
C VAL A 268 -4.91 -22.65 -2.62
N GLU A 269 -5.06 -21.34 -2.60
CA GLU A 269 -5.49 -20.56 -1.40
C GLU A 269 -6.98 -20.78 -0.99
N THR A 270 -7.18 -21.39 0.19
CA THR A 270 -8.51 -21.49 0.82
C THR A 270 -8.94 -20.21 1.56
N ASP A 271 -10.05 -19.67 1.10
CA ASP A 271 -10.72 -18.62 1.83
C ASP A 271 -11.63 -19.33 2.83
N PHE A 272 -11.96 -18.65 3.92
CA PHE A 272 -12.86 -19.21 4.92
C PHE A 272 -14.31 -18.78 4.68
N ALA A 273 -14.54 -17.47 4.63
CA ALA A 273 -15.89 -16.90 4.44
C ALA A 273 -16.51 -17.26 3.08
N ALA A 274 -15.69 -17.73 2.15
CA ALA A 274 -16.17 -18.18 0.84
C ALA A 274 -16.82 -19.56 0.95
N GLU A 275 -16.03 -20.56 1.36
CA GLU A 275 -16.50 -21.96 1.42
C GLU A 275 -17.60 -22.19 2.46
N VAL A 276 -17.70 -21.28 3.42
CA VAL A 276 -18.69 -21.39 4.48
C VAL A 276 -20.04 -20.90 3.97
N ALA A 277 -20.01 -20.06 2.94
CA ALA A 277 -21.23 -19.60 2.28
C ALA A 277 -21.70 -20.66 1.30
N ALA A 278 -20.82 -21.63 1.02
CA ALA A 278 -21.13 -22.74 0.12
C ALA A 278 -21.54 -23.97 0.92
N MET A 279 -20.93 -24.12 2.10
CA MET A 279 -21.31 -25.17 3.05
C MET A 279 -22.71 -24.87 3.59
N SER A 280 -23.13 -23.62 3.49
CA SER A 280 -24.47 -23.22 3.90
C SER A 280 -25.48 -23.36 2.76
N LYS A 281 -25.08 -22.98 1.56
CA LYS A 281 -25.98 -22.91 0.40
C LYS A 281 -26.70 -24.23 0.17
N GLN A 282 -26.02 -25.32 0.51
CA GLN A 282 -26.63 -26.64 0.48
C GLN A 282 -27.84 -26.74 1.43
N SER A 283 -27.64 -26.33 2.67
CA SER A 283 -28.66 -26.45 3.72
C SER A 283 -29.72 -25.36 3.66
N HIS A 284 -29.45 -24.31 2.90
CA HIS A 284 -30.42 -23.27 2.58
C HIS A 284 -31.63 -23.88 1.91
N MET A 285 -31.38 -24.89 1.08
CA MET A 285 -32.42 -25.53 0.29
C MET A 285 -32.78 -26.93 0.80
N SER A 286 -33.41 -26.97 1.99
CA SER A 286 -33.93 -28.20 2.61
C SER A 286 -34.63 -27.91 3.93
N PHE A 290 -33.17 0.20 13.85
CA PHE A 290 -33.56 0.03 15.26
C PHE A 290 -32.33 -0.12 16.18
N GLU A 291 -32.09 -1.36 16.57
CA GLU A 291 -31.02 -1.69 17.49
C GLU A 291 -29.74 -1.91 16.70
N ARG A 292 -28.99 -0.83 16.47
CA ARG A 292 -27.69 -0.90 15.80
C ARG A 292 -26.58 -0.45 16.75
N THR A 293 -26.95 -0.17 18.00
CA THR A 293 -26.00 0.13 19.06
C THR A 293 -25.51 -1.15 19.74
N LYS A 294 -25.90 -2.30 19.18
CA LYS A 294 -25.54 -3.62 19.75
C LYS A 294 -24.05 -3.95 19.52
N PRO A 295 -23.36 -4.37 20.59
CA PRO A 295 -21.90 -4.48 20.66
C PRO A 295 -21.27 -5.32 19.53
N HIS A 296 -19.98 -5.16 19.29
CA HIS A 296 -19.25 -6.06 18.41
C HIS A 296 -18.37 -6.97 19.25
N VAL A 297 -18.43 -8.27 18.98
CA VAL A 297 -17.53 -9.22 19.66
C VAL A 297 -16.78 -10.07 18.64
N ASN A 298 -15.46 -10.01 18.69
CA ASN A 298 -14.66 -10.79 17.78
C ASN A 298 -14.36 -12.15 18.36
N VAL A 299 -15.03 -13.16 17.79
CA VAL A 299 -14.81 -14.54 18.19
C VAL A 299 -14.03 -15.27 17.13
N GLY A 300 -13.33 -16.32 17.55
CA GLY A 300 -12.59 -17.12 16.60
C GLY A 300 -12.92 -18.58 16.84
N THR A 301 -12.75 -19.37 15.78
CA THR A 301 -12.94 -20.79 15.88
C THR A 301 -11.58 -21.44 15.77
N ILE A 302 -11.29 -22.37 16.68
CA ILE A 302 -9.97 -22.97 16.70
C ILE A 302 -10.06 -24.44 17.11
N GLY A 303 -9.25 -25.28 16.46
CA GLY A 303 -9.28 -26.71 16.70
C GLY A 303 -8.74 -27.46 15.50
N HIS A 304 -8.79 -28.79 15.55
CA HIS A 304 -8.25 -29.65 14.51
C HIS A 304 -8.95 -29.48 13.15
N VAL A 305 -8.28 -29.86 12.06
CA VAL A 305 -8.81 -29.66 10.70
C VAL A 305 -10.07 -30.49 10.39
N ASP A 306 -9.98 -31.78 10.72
CA ASP A 306 -11.03 -32.73 10.40
C ASP A 306 -12.13 -32.77 11.45
N HIS A 307 -11.97 -32.01 12.53
CA HIS A 307 -13.02 -31.86 13.54
C HIS A 307 -14.03 -30.85 13.03
N GLY A 308 -13.74 -30.32 11.84
CA GLY A 308 -14.65 -29.51 11.05
C GLY A 308 -15.17 -28.30 11.78
N LYS A 309 -14.28 -27.33 12.03
CA LYS A 309 -14.68 -26.02 12.52
C LYS A 309 -15.60 -25.44 11.46
N THR A 310 -15.16 -25.59 10.21
CA THR A 310 -15.89 -25.35 8.97
C THR A 310 -17.39 -25.66 9.04
N THR A 311 -17.69 -26.89 9.48
CA THR A 311 -19.05 -27.41 9.60
C THR A 311 -19.84 -26.65 10.68
N LEU A 312 -19.17 -26.26 11.76
CA LEU A 312 -19.81 -25.61 12.91
C LEU A 312 -20.08 -24.13 12.71
N THR A 313 -19.11 -23.41 12.17
CA THR A 313 -19.32 -22.01 11.86
C THR A 313 -20.52 -21.84 10.91
N ALA A 314 -20.75 -22.86 10.08
CA ALA A 314 -21.85 -22.84 9.14
C ALA A 314 -23.20 -22.97 9.85
N ALA A 315 -23.26 -23.90 10.81
CA ALA A 315 -24.44 -24.14 11.63
C ALA A 315 -24.78 -22.90 12.45
N ILE A 316 -23.73 -22.26 12.97
CA ILE A 316 -23.84 -21.03 13.75
C ILE A 316 -24.21 -19.86 12.82
N THR A 317 -24.48 -20.16 11.56
CA THR A 317 -24.97 -19.14 10.67
C THR A 317 -26.40 -19.43 10.32
N THR A 318 -26.63 -20.63 9.80
CA THR A 318 -27.97 -20.98 9.34
C THR A 318 -28.98 -21.07 10.49
N VAL A 319 -28.55 -21.61 11.63
CA VAL A 319 -29.46 -21.79 12.75
C VAL A 319 -29.76 -20.44 13.39
N LEU A 320 -28.87 -19.49 13.15
CA LEU A 320 -29.06 -18.12 13.61
C LEU A 320 -29.88 -17.34 12.57
N ALA A 321 -29.80 -17.80 11.32
CA ALA A 321 -30.74 -17.34 10.31
C ALA A 321 -32.14 -17.91 10.58
N LYS A 322 -32.19 -19.22 10.84
CA LYS A 322 -33.41 -19.94 11.20
C LYS A 322 -34.19 -19.22 12.30
N THR A 323 -33.49 -18.94 13.40
CA THR A 323 -34.07 -18.20 14.50
C THR A 323 -34.11 -16.71 14.16
N TYR A 324 -33.26 -15.90 14.80
CA TYR A 324 -33.35 -14.43 14.72
C TYR A 324 -33.27 -13.82 13.31
N GLY A 325 -32.07 -13.41 12.91
CA GLY A 325 -31.92 -12.76 11.61
C GLY A 325 -30.51 -12.86 11.07
N GLY A 326 -30.17 -11.94 10.17
CA GLY A 326 -28.85 -11.94 9.55
C GLY A 326 -28.25 -10.55 9.50
N ASN A 348 -12.82 -7.01 8.02
CA ASN A 348 -11.70 -7.83 7.49
C ASN A 348 -12.22 -9.16 6.93
N THR A 349 -12.39 -9.22 5.61
CA THR A 349 -12.93 -10.41 4.92
C THR A 349 -12.21 -11.70 5.32
N SER A 350 -12.80 -12.84 4.97
CA SER A 350 -12.48 -14.14 5.60
C SER A 350 -13.04 -14.16 7.03
N HIS A 351 -14.18 -13.49 7.20
CA HIS A 351 -14.91 -13.44 8.47
C HIS A 351 -16.40 -13.42 8.20
N VAL A 352 -17.21 -13.89 9.15
CA VAL A 352 -18.67 -13.92 8.94
C VAL A 352 -19.48 -13.02 9.89
N GLU A 353 -20.21 -12.08 9.31
CA GLU A 353 -21.02 -11.15 10.09
C GLU A 353 -22.44 -11.70 10.31
N TYR A 354 -22.69 -12.10 11.55
CA TYR A 354 -24.02 -12.52 11.92
C TYR A 354 -24.44 -11.96 13.27
N ASP A 355 -25.72 -12.09 13.57
CA ASP A 355 -26.26 -11.46 14.76
C ASP A 355 -26.82 -12.45 15.76
N THR A 356 -27.42 -11.86 16.79
CA THR A 356 -27.99 -12.54 17.95
C THR A 356 -28.90 -11.45 18.51
N PRO A 357 -29.92 -11.82 19.32
CA PRO A 357 -30.92 -10.80 19.68
C PRO A 357 -30.37 -9.68 20.57
N THR A 358 -29.24 -9.94 21.23
CA THR A 358 -28.62 -8.99 22.14
C THR A 358 -27.35 -8.37 21.54
N ARG A 359 -26.54 -9.22 20.92
CA ARG A 359 -25.22 -8.84 20.41
C ARG A 359 -25.07 -9.06 18.90
N HIS A 360 -23.93 -8.62 18.37
CA HIS A 360 -23.57 -8.85 16.97
C HIS A 360 -22.12 -9.30 16.90
N TYR A 361 -21.90 -10.51 16.43
CA TYR A 361 -20.57 -11.08 16.46
C TYR A 361 -19.83 -10.90 15.15
N ALA A 362 -18.57 -11.34 15.15
CA ALA A 362 -17.71 -11.39 13.98
C ALA A 362 -16.81 -12.60 14.17
N HIS A 363 -16.80 -13.51 13.19
CA HIS A 363 -16.22 -14.81 13.44
C HIS A 363 -15.20 -15.27 12.39
N VAL A 364 -14.05 -15.73 12.88
CA VAL A 364 -12.90 -16.05 12.03
C VAL A 364 -12.33 -17.41 12.34
N ASP A 365 -11.54 -17.92 11.41
CA ASP A 365 -10.84 -19.19 11.58
C ASP A 365 -9.41 -18.97 12.05
N CYS A 366 -8.93 -19.85 12.92
CA CYS A 366 -7.58 -19.82 13.43
C CYS A 366 -6.80 -21.02 12.91
N PRO A 367 -6.47 -21.03 11.60
CA PRO A 367 -5.68 -22.17 11.13
C PRO A 367 -4.21 -22.03 11.50
N GLY A 368 -3.60 -20.90 11.19
CA GLY A 368 -2.17 -20.69 11.42
C GLY A 368 -1.81 -19.95 12.69
N HIS A 369 -1.04 -20.61 13.57
CA HIS A 369 -0.54 -19.95 14.78
C HIS A 369 0.18 -18.69 14.36
N ALA A 370 1.14 -18.86 13.45
CA ALA A 370 1.94 -17.74 12.98
C ALA A 370 1.16 -16.84 12.02
N ASP A 371 0.04 -17.31 11.49
CA ASP A 371 -0.80 -16.40 10.75
C ASP A 371 -1.92 -15.81 11.61
N TYR A 372 -2.07 -16.28 12.85
CA TYR A 372 -3.02 -15.58 13.72
C TYR A 372 -2.34 -14.41 14.43
N VAL A 373 -1.07 -14.58 14.76
CA VAL A 373 -0.30 -13.47 15.27
C VAL A 373 -0.28 -12.32 14.26
N LYS A 374 0.08 -12.63 13.02
CA LYS A 374 0.00 -11.66 11.92
C LYS A 374 -1.48 -11.24 11.66
N ASN A 375 -2.35 -11.43 12.65
CA ASN A 375 -3.73 -10.98 12.57
C ASN A 375 -4.04 -10.16 13.81
N MET A 376 -3.49 -10.60 14.95
CA MET A 376 -3.66 -9.91 16.22
C MET A 376 -2.69 -8.71 16.26
N ILE A 377 -1.45 -8.92 15.86
CA ILE A 377 -0.43 -7.87 15.94
C ILE A 377 -0.77 -6.71 15.01
N THR A 378 -0.96 -7.04 13.74
CA THR A 378 -1.31 -6.06 12.74
C THR A 378 -2.79 -5.69 12.87
N GLY A 379 -3.45 -6.25 13.88
CA GLY A 379 -4.83 -5.90 14.19
C GLY A 379 -5.89 -6.11 13.13
N ALA A 380 -5.62 -6.99 12.17
CA ALA A 380 -6.61 -7.31 11.15
C ALA A 380 -7.81 -8.09 11.74
N ALA A 381 -7.59 -8.69 12.91
CA ALA A 381 -8.62 -9.45 13.63
C ALA A 381 -8.15 -9.81 15.05
N GLN A 382 -8.66 -9.09 16.04
CA GLN A 382 -8.37 -9.43 17.44
C GLN A 382 -9.33 -10.52 17.94
N MET A 383 -9.23 -10.83 19.23
CA MET A 383 -10.04 -11.88 19.80
C MET A 383 -10.64 -11.44 21.13
N ASP A 384 -11.95 -11.46 21.22
CA ASP A 384 -12.59 -11.16 22.50
C ASP A 384 -13.09 -12.45 23.13
N GLY A 385 -12.84 -13.57 22.44
CA GLY A 385 -13.25 -14.87 22.93
C GLY A 385 -13.24 -15.92 21.84
N ALA A 386 -12.38 -16.92 22.01
CA ALA A 386 -12.21 -17.97 21.01
C ALA A 386 -13.10 -19.17 21.32
N ILE A 387 -13.45 -19.92 20.27
CA ILE A 387 -14.25 -21.11 20.45
C ILE A 387 -13.43 -22.37 20.14
N LEU A 388 -13.47 -23.34 21.06
CA LEU A 388 -12.55 -24.48 20.98
C LEU A 388 -13.25 -25.73 20.47
N VAL A 389 -13.07 -26.00 19.19
CA VAL A 389 -13.77 -27.08 18.52
C VAL A 389 -12.97 -28.35 18.70
N VAL A 390 -13.62 -29.37 19.25
CA VAL A 390 -13.01 -30.71 19.31
C VAL A 390 -14.06 -31.83 19.09
N ALA A 391 -13.85 -32.61 18.03
CA ALA A 391 -14.75 -33.71 17.68
C ALA A 391 -14.74 -34.75 18.79
N ALA A 392 -15.93 -35.05 19.32
CA ALA A 392 -16.08 -35.93 20.47
C ALA A 392 -15.69 -37.38 20.17
N THR A 393 -15.85 -37.75 18.90
CA THR A 393 -15.54 -39.10 18.40
C THR A 393 -14.12 -39.49 18.77
N ASP A 394 -13.21 -38.53 18.65
CA ASP A 394 -11.79 -38.79 18.85
C ASP A 394 -11.23 -38.00 20.02
N GLY A 395 -11.98 -37.00 20.48
CA GLY A 395 -11.59 -36.17 21.62
C GLY A 395 -10.41 -35.23 21.39
N PRO A 396 -9.73 -34.83 22.48
CA PRO A 396 -8.58 -33.96 22.30
C PRO A 396 -7.45 -34.65 21.53
N MET A 397 -7.08 -34.05 20.42
CA MET A 397 -5.90 -34.47 19.68
C MET A 397 -4.65 -34.04 20.46
N PRO A 398 -3.50 -34.64 20.13
CA PRO A 398 -2.23 -34.28 20.79
C PRO A 398 -1.78 -32.83 20.58
N GLN A 399 -2.16 -32.28 19.43
CA GLN A 399 -1.69 -30.97 19.02
C GLN A 399 -2.63 -29.89 19.56
N THR A 400 -3.69 -30.31 20.24
CA THR A 400 -4.70 -29.40 20.79
C THR A 400 -4.11 -28.52 21.90
N ARG A 401 -3.25 -29.11 22.73
CA ARG A 401 -2.52 -28.34 23.71
C ARG A 401 -1.70 -27.19 23.10
N GLU A 402 -1.54 -27.19 21.77
CA GLU A 402 -0.93 -26.07 21.06
C GLU A 402 -1.98 -25.11 20.56
N HIS A 403 -3.22 -25.59 20.43
CA HIS A 403 -4.34 -24.70 20.14
C HIS A 403 -4.65 -23.90 21.39
N ILE A 404 -4.77 -24.59 22.52
CA ILE A 404 -5.01 -23.94 23.80
C ILE A 404 -3.80 -23.06 24.15
N LEU A 405 -2.61 -23.54 23.80
CA LEU A 405 -1.41 -22.74 24.00
C LEU A 405 -1.47 -21.45 23.20
N LEU A 406 -2.04 -21.49 22.00
CA LEU A 406 -2.14 -20.31 21.15
C LEU A 406 -3.09 -19.30 21.79
N GLY A 407 -3.99 -19.78 22.65
CA GLY A 407 -4.88 -18.89 23.37
C GLY A 407 -4.19 -18.13 24.49
N ARG A 408 -3.53 -18.87 25.39
CA ARG A 408 -2.74 -18.26 26.47
C ARG A 408 -1.36 -17.84 25.94
N GLN A 409 -1.31 -17.41 24.69
CA GLN A 409 -0.07 -16.95 24.08
C GLN A 409 -0.39 -15.67 23.38
N VAL A 410 -1.65 -15.56 22.98
CA VAL A 410 -2.08 -14.40 22.24
C VAL A 410 -2.99 -13.59 23.15
N GLY A 411 -3.05 -14.06 24.39
CA GLY A 411 -3.87 -13.47 25.42
C GLY A 411 -5.30 -13.36 24.96
N VAL A 412 -5.94 -14.50 24.70
CA VAL A 412 -7.36 -14.49 24.44
C VAL A 412 -8.02 -14.39 25.82
N PRO A 413 -9.04 -13.54 25.95
CA PRO A 413 -9.68 -13.48 27.25
C PRO A 413 -10.33 -14.81 27.62
N TYR A 414 -11.47 -15.09 27.00
CA TYR A 414 -12.37 -16.17 27.40
C TYR A 414 -12.49 -17.22 26.32
N ILE A 415 -12.74 -18.47 26.73
CA ILE A 415 -12.78 -19.64 25.82
C ILE A 415 -14.00 -20.57 26.02
N ILE A 416 -14.78 -20.75 24.96
CA ILE A 416 -15.90 -21.69 24.97
C ILE A 416 -15.56 -22.89 24.10
N VAL A 417 -15.85 -24.09 24.63
CA VAL A 417 -15.58 -25.35 23.93
C VAL A 417 -16.87 -26.02 23.40
N PHE A 418 -16.82 -26.49 22.15
CA PHE A 418 -17.93 -27.19 21.52
C PHE A 418 -17.46 -28.58 21.05
N LEU A 419 -18.06 -29.63 21.61
CA LEU A 419 -17.77 -31.00 21.19
C LEU A 419 -18.62 -31.34 19.98
N ASN A 420 -18.03 -31.31 18.80
CA ASN A 420 -18.77 -31.62 17.57
C ASN A 420 -18.91 -33.12 17.36
N LYS A 421 -19.96 -33.52 16.64
CA LYS A 421 -20.23 -34.92 16.32
C LYS A 421 -20.33 -35.73 17.60
N CYS A 422 -21.52 -35.78 18.20
CA CYS A 422 -21.73 -36.57 19.41
C CYS A 422 -22.68 -37.76 19.19
N ASP A 423 -23.34 -37.75 18.03
CA ASP A 423 -24.10 -38.91 17.58
C ASP A 423 -23.16 -40.10 17.38
N MET A 424 -21.91 -39.81 17.04
CA MET A 424 -20.86 -40.82 16.84
C MET A 424 -20.34 -41.40 18.14
N VAL A 425 -21.05 -41.11 19.22
CA VAL A 425 -20.86 -41.80 20.50
C VAL A 425 -22.24 -42.19 21.02
N ASP A 426 -22.35 -43.39 21.57
CA ASP A 426 -23.63 -43.95 21.98
C ASP A 426 -23.75 -44.08 23.49
N ASP A 427 -22.75 -43.52 24.18
CA ASP A 427 -22.61 -43.68 25.63
C ASP A 427 -22.21 -42.37 26.30
N GLU A 428 -23.14 -41.76 27.02
CA GLU A 428 -22.87 -40.50 27.70
C GLU A 428 -21.77 -40.66 28.73
N GLU A 429 -21.73 -41.82 29.38
CA GLU A 429 -20.71 -42.10 30.40
C GLU A 429 -19.31 -41.96 29.79
N LEU A 430 -19.26 -41.99 28.46
CA LEU A 430 -18.03 -41.83 27.68
C LEU A 430 -17.79 -40.39 27.22
N LEU A 431 -18.86 -39.69 26.89
CA LEU A 431 -18.76 -38.25 26.61
C LEU A 431 -18.22 -37.50 27.83
N GLU A 432 -18.78 -37.80 29.01
CA GLU A 432 -18.35 -37.17 30.26
C GLU A 432 -16.87 -37.42 30.56
N LEU A 433 -16.31 -38.41 29.89
CA LEU A 433 -14.89 -38.74 30.04
C LEU A 433 -14.01 -37.88 29.15
N VAL A 434 -14.59 -37.27 28.11
CA VAL A 434 -13.79 -36.46 27.21
C VAL A 434 -13.68 -35.05 27.75
N GLU A 435 -14.72 -34.62 28.46
CA GLU A 435 -14.69 -33.32 29.11
C GLU A 435 -13.57 -33.34 30.12
N MET A 436 -13.41 -34.46 30.80
CA MET A 436 -12.26 -34.65 31.68
C MET A 436 -10.97 -34.35 30.91
N GLU A 437 -10.85 -34.90 29.70
CA GLU A 437 -9.61 -34.75 28.94
C GLU A 437 -9.55 -33.46 28.09
N VAL A 438 -10.42 -32.52 28.40
CA VAL A 438 -10.29 -31.18 27.83
C VAL A 438 -10.33 -30.18 28.98
N ARG A 439 -11.08 -30.50 30.03
CA ARG A 439 -11.19 -29.59 31.17
C ARG A 439 -9.86 -29.56 31.90
N GLU A 440 -9.11 -30.65 31.81
CA GLU A 440 -7.80 -30.68 32.47
C GLU A 440 -6.70 -30.16 31.56
N LEU A 441 -7.02 -30.05 30.28
CA LEU A 441 -6.07 -29.59 29.28
C LEU A 441 -6.19 -28.09 29.23
N LEU A 442 -7.32 -27.58 29.65
CA LEU A 442 -7.47 -26.15 29.74
C LEU A 442 -6.68 -25.66 30.94
N SER A 443 -6.83 -26.37 32.05
CA SER A 443 -6.31 -26.00 33.36
C SER A 443 -4.79 -25.98 33.46
N GLN A 444 -4.14 -26.70 32.56
CA GLN A 444 -2.70 -26.67 32.47
C GLN A 444 -2.26 -25.31 31.94
N TYR A 445 -3.19 -24.61 31.30
CA TYR A 445 -2.89 -23.34 30.67
C TYR A 445 -3.68 -22.20 31.30
N ASP A 446 -3.95 -22.34 32.60
CA ASP A 446 -4.53 -21.31 33.49
C ASP A 446 -5.87 -20.73 33.05
N PHE A 447 -6.62 -21.55 32.31
CA PHE A 447 -7.95 -21.23 31.89
C PHE A 447 -8.99 -21.95 32.75
N PRO A 448 -10.10 -21.27 33.05
CA PRO A 448 -11.15 -21.76 33.96
C PRO A 448 -11.76 -23.11 33.60
N GLY A 449 -10.92 -24.13 33.42
CA GLY A 449 -11.33 -25.46 33.02
C GLY A 449 -12.53 -26.02 33.79
N ASP A 450 -12.52 -25.81 35.11
CA ASP A 450 -13.61 -26.22 35.99
C ASP A 450 -14.90 -25.50 35.69
N ASP A 451 -14.77 -24.24 35.33
CA ASP A 451 -15.94 -23.38 35.20
C ASP A 451 -16.14 -22.87 33.75
N THR A 452 -15.54 -23.57 32.79
CA THR A 452 -15.65 -23.23 31.37
C THR A 452 -16.82 -23.96 30.68
N PRO A 453 -17.57 -23.26 29.81
CA PRO A 453 -18.74 -23.89 29.17
C PRO A 453 -18.36 -24.89 28.08
N ILE A 454 -19.03 -26.04 28.06
CA ILE A 454 -18.81 -27.08 27.04
C ILE A 454 -20.11 -27.65 26.48
N VAL A 455 -20.36 -27.34 25.20
CA VAL A 455 -21.57 -27.76 24.50
C VAL A 455 -21.39 -29.11 23.79
N ARG A 456 -22.32 -30.05 24.01
CA ARG A 456 -22.27 -31.36 23.34
C ARG A 456 -23.36 -31.51 22.28
N GLY A 457 -22.93 -31.59 21.03
CA GLY A 457 -23.86 -31.62 19.91
C GLY A 457 -23.18 -31.83 18.57
N SER A 458 -23.97 -31.80 17.50
CA SER A 458 -23.45 -31.98 16.15
C SER A 458 -23.95 -30.82 15.31
N ALA A 459 -23.06 -30.25 14.49
CA ALA A 459 -23.40 -29.20 13.54
C ALA A 459 -24.11 -29.85 12.36
N LEU A 460 -23.56 -31.00 11.96
CA LEU A 460 -24.10 -31.81 10.88
C LEU A 460 -25.61 -32.03 10.98
N LYS A 461 -26.08 -32.36 12.18
CA LYS A 461 -27.51 -32.50 12.48
C LYS A 461 -28.27 -31.17 12.44
N ALA A 462 -27.56 -30.09 12.75
CA ALA A 462 -28.14 -28.75 12.77
C ALA A 462 -28.14 -28.09 11.40
N LEU A 463 -27.25 -28.54 10.53
CA LEU A 463 -27.24 -28.15 9.13
C LEU A 463 -28.50 -28.64 8.45
N GLU A 464 -28.89 -29.86 8.83
CA GLU A 464 -30.12 -30.46 8.36
C GLU A 464 -31.34 -29.62 8.83
N GLY A 465 -31.95 -30.03 9.93
CA GLY A 465 -33.14 -29.36 10.44
C GLY A 465 -33.52 -29.99 11.75
N ASP A 466 -32.66 -30.89 12.21
CA ASP A 466 -32.85 -31.61 13.47
C ASP A 466 -32.79 -30.67 14.68
N ALA A 467 -33.94 -30.11 15.05
CA ALA A 467 -34.01 -29.08 16.09
C ALA A 467 -33.60 -29.53 17.49
N GLU A 468 -33.63 -30.85 17.72
CA GLU A 468 -33.15 -31.45 18.97
C GLU A 468 -31.66 -31.19 19.10
N TRP A 469 -31.02 -31.09 17.94
CA TRP A 469 -29.59 -30.80 17.87
C TRP A 469 -29.35 -29.37 17.46
N GLU A 470 -30.39 -28.69 16.96
CA GLU A 470 -30.30 -27.24 16.71
C GLU A 470 -30.36 -26.46 18.02
N ALA A 471 -30.79 -27.11 19.09
CA ALA A 471 -30.85 -26.48 20.40
C ALA A 471 -29.45 -26.37 21.01
N LYS A 472 -28.51 -27.13 20.46
CA LYS A 472 -27.12 -27.09 20.90
C LYS A 472 -26.33 -25.88 20.40
N ILE A 473 -26.51 -25.52 19.12
CA ILE A 473 -25.97 -24.25 18.64
C ILE A 473 -26.66 -23.11 19.40
N LEU A 474 -27.94 -23.26 19.70
CA LEU A 474 -28.61 -22.28 20.53
C LEU A 474 -28.03 -22.27 21.95
N GLU A 475 -27.58 -23.43 22.42
CA GLU A 475 -26.95 -23.52 23.74
C GLU A 475 -25.51 -22.99 23.70
N LEU A 476 -24.91 -23.01 22.51
CA LEU A 476 -23.57 -22.45 22.32
C LEU A 476 -23.59 -20.94 22.16
N ALA A 477 -24.49 -20.45 21.31
CA ALA A 477 -24.65 -19.02 21.06
C ALA A 477 -25.23 -18.39 22.30
N GLY A 478 -25.73 -19.23 23.20
CA GLY A 478 -26.25 -18.78 24.47
C GLY A 478 -25.11 -18.51 25.42
N PHE A 479 -23.91 -18.98 25.07
CA PHE A 479 -22.72 -18.71 25.88
C PHE A 479 -21.98 -17.46 25.43
N LEU A 480 -21.84 -17.27 24.12
CA LEU A 480 -21.24 -16.05 23.58
C LEU A 480 -22.01 -14.81 24.05
N ASP A 481 -23.29 -15.01 24.39
CA ASP A 481 -24.17 -13.94 24.84
C ASP A 481 -23.92 -13.64 26.31
N SER A 482 -23.36 -14.61 27.03
CA SER A 482 -23.21 -14.47 28.49
C SER A 482 -21.79 -14.59 29.00
N TYR A 483 -21.12 -15.70 28.64
CA TYR A 483 -19.77 -16.03 29.12
C TYR A 483 -18.69 -15.11 28.54
N ILE A 484 -19.02 -14.42 27.46
CA ILE A 484 -18.19 -13.35 26.95
C ILE A 484 -18.71 -11.99 27.46
N PRO A 485 -17.83 -11.20 28.09
CA PRO A 485 -18.20 -9.88 28.58
C PRO A 485 -18.46 -8.85 27.46
N GLU A 486 -19.36 -7.90 27.75
CA GLU A 486 -19.68 -6.79 26.85
C GLU A 486 -18.48 -5.85 26.75
N PRO A 487 -17.93 -5.70 25.52
CA PRO A 487 -16.78 -4.81 25.28
C PRO A 487 -16.99 -3.35 25.75
N GLU A 488 -16.09 -2.88 26.61
CA GLU A 488 -16.06 -1.50 27.07
C GLU A 488 -16.15 -0.59 25.85
N ARG A 489 -17.38 -0.26 25.48
CA ARG A 489 -17.64 0.60 24.34
C ARG A 489 -16.81 1.87 24.50
N ALA A 490 -16.00 2.19 23.47
CA ALA A 490 -14.97 3.25 23.54
C ALA A 490 -15.38 4.60 24.14
N ILE A 491 -16.66 4.98 24.01
CA ILE A 491 -17.22 6.12 24.74
C ILE A 491 -16.92 5.98 26.24
N ASP A 492 -17.13 4.78 26.77
CA ASP A 492 -17.06 4.49 28.21
C ASP A 492 -15.66 4.36 28.79
N LYS A 493 -14.65 4.28 27.93
CA LYS A 493 -13.26 4.16 28.37
C LYS A 493 -12.76 5.53 28.80
N PRO A 494 -11.90 5.56 29.84
CA PRO A 494 -11.21 6.76 30.36
C PRO A 494 -10.74 7.71 29.25
N PHE A 495 -11.32 8.91 29.22
CA PHE A 495 -11.09 9.91 28.18
C PHE A 495 -9.63 10.03 27.72
N LEU A 496 -9.44 10.32 26.44
CA LEU A 496 -8.12 10.44 25.84
C LEU A 496 -8.23 10.94 24.42
N LEU A 497 -7.35 11.87 24.05
CA LEU A 497 -7.33 12.42 22.70
C LEU A 497 -5.90 12.51 22.24
N PRO A 498 -5.65 12.14 20.99
CA PRO A 498 -4.29 12.35 20.51
C PRO A 498 -4.06 13.77 20.00
N ILE A 499 -3.11 14.46 20.60
CA ILE A 499 -2.73 15.78 20.12
C ILE A 499 -2.16 15.67 18.72
N GLU A 500 -2.88 16.25 17.77
CA GLU A 500 -2.49 16.22 16.37
C GLU A 500 -1.90 17.57 15.91
N ASP A 501 -2.37 18.67 16.49
CA ASP A 501 -1.80 19.99 16.18
C ASP A 501 -2.22 21.06 17.20
N VAL A 502 -1.43 22.15 17.27
CA VAL A 502 -1.61 23.20 18.28
C VAL A 502 -1.61 24.60 17.70
N PHE A 503 -2.53 25.43 18.20
CA PHE A 503 -2.68 26.79 17.70
C PHE A 503 -2.84 27.77 18.84
N SER A 504 -2.17 28.89 18.72
CA SER A 504 -2.27 29.96 19.70
C SER A 504 -3.10 31.10 19.16
N ILE A 505 -4.38 31.07 19.47
CA ILE A 505 -5.33 32.08 19.03
C ILE A 505 -5.34 33.23 20.02
N SER A 506 -5.19 34.44 19.52
CA SER A 506 -5.47 35.60 20.33
C SER A 506 -6.98 35.58 20.52
N GLY A 507 -7.41 35.40 21.77
CA GLY A 507 -8.83 35.28 22.07
C GLY A 507 -9.24 33.91 22.61
N ARG A 508 -8.40 32.91 22.37
CA ARG A 508 -8.69 31.52 22.77
C ARG A 508 -7.51 30.88 23.49
N GLY A 509 -6.35 31.52 23.42
CA GLY A 509 -5.12 30.96 23.95
C GLY A 509 -4.67 29.76 23.15
N THR A 510 -4.59 28.61 23.79
CA THR A 510 -4.03 27.44 23.17
C THR A 510 -5.12 26.46 22.84
N VAL A 511 -5.04 25.89 21.64
CA VAL A 511 -6.03 24.93 21.20
C VAL A 511 -5.39 23.78 20.45
N VAL A 512 -5.81 22.58 20.79
CA VAL A 512 -5.39 21.40 20.07
C VAL A 512 -6.54 20.74 19.36
N THR A 513 -6.23 20.18 18.21
CA THR A 513 -7.21 19.46 17.42
C THR A 513 -6.81 17.98 17.24
N GLY A 514 -7.80 17.18 16.85
CA GLY A 514 -7.60 15.75 16.65
C GLY A 514 -8.93 15.06 16.82
N ARG A 515 -9.00 13.82 16.41
CA ARG A 515 -10.19 13.08 16.76
C ARG A 515 -9.90 12.51 18.12
N VAL A 516 -10.89 12.58 19.00
CA VAL A 516 -10.72 12.02 20.32
C VAL A 516 -10.87 10.52 20.17
N GLU A 517 -9.84 9.82 20.62
CA GLU A 517 -9.81 8.35 20.59
C GLU A 517 -10.92 7.78 21.47
N ARG A 518 -10.86 8.06 22.76
CA ARG A 518 -11.72 7.42 23.76
C ARG A 518 -12.33 8.43 24.69
N GLY A 519 -13.51 8.10 25.21
CA GLY A 519 -14.10 8.88 26.27
C GLY A 519 -14.82 10.15 25.82
N ILE A 520 -15.34 10.88 26.79
CA ILE A 520 -16.01 12.15 26.58
C ILE A 520 -15.28 13.24 27.33
N ILE A 521 -15.13 14.40 26.68
CA ILE A 521 -14.59 15.60 27.32
C ILE A 521 -15.64 16.72 27.32
N LYS A 522 -16.05 17.12 28.51
CA LYS A 522 -17.01 18.20 28.66
C LYS A 522 -16.26 19.48 29.01
N VAL A 523 -16.86 20.62 28.75
CA VAL A 523 -16.21 21.91 29.02
C VAL A 523 -15.88 22.13 30.51
N GLY A 524 -14.60 22.38 30.79
CA GLY A 524 -14.18 22.69 32.13
C GLY A 524 -13.40 21.60 32.84
N GLU A 525 -13.72 20.34 32.55
CA GLU A 525 -13.07 19.20 33.18
C GLU A 525 -11.55 19.37 33.20
N GLU A 526 -10.89 18.70 34.13
CA GLU A 526 -9.43 18.73 34.15
C GLU A 526 -8.84 17.66 33.24
N VAL A 527 -7.81 18.05 32.50
CA VAL A 527 -7.10 17.14 31.61
C VAL A 527 -5.60 17.27 31.85
N GLU A 528 -4.87 16.20 31.59
CA GLU A 528 -3.42 16.29 31.59
C GLU A 528 -2.98 16.44 30.14
N ILE A 529 -1.77 16.95 29.94
CA ILE A 529 -1.23 17.06 28.60
C ILE A 529 0.13 16.34 28.56
N VAL A 530 0.02 15.03 28.37
CA VAL A 530 1.14 14.11 28.55
C VAL A 530 1.69 13.57 27.23
N GLY A 531 3.00 13.57 27.11
CA GLY A 531 3.63 13.15 25.89
C GLY A 531 5.13 13.07 26.09
N ILE A 532 5.80 14.21 26.04
CA ILE A 532 7.26 14.18 26.12
C ILE A 532 7.81 14.91 27.35
N LYS A 533 7.17 16.02 27.68
CA LYS A 533 7.59 16.84 28.81
C LYS A 533 7.01 16.28 30.09
N GLU A 534 7.27 16.94 31.21
CA GLU A 534 6.63 16.54 32.46
C GLU A 534 5.15 16.67 32.25
N THR A 535 4.46 15.54 32.37
CA THR A 535 3.01 15.47 32.14
C THR A 535 2.29 16.65 32.80
N GLN A 536 2.28 17.79 32.13
CA GLN A 536 1.59 18.98 32.66
C GLN A 536 0.08 18.75 32.74
N LYS A 537 -0.63 19.70 33.34
CA LYS A 537 -2.07 19.60 33.49
C LYS A 537 -2.71 20.93 33.20
N SER A 538 -3.92 20.93 32.66
CA SER A 538 -4.60 22.18 32.33
C SER A 538 -6.09 21.96 32.33
N THR A 539 -6.85 22.88 31.76
CA THR A 539 -8.30 22.75 31.82
C THR A 539 -9.02 23.16 30.54
N CYS A 540 -10.10 22.45 30.24
CA CYS A 540 -10.81 22.64 28.99
C CYS A 540 -11.57 23.93 29.03
N THR A 541 -10.98 24.99 28.50
CA THR A 541 -11.69 26.26 28.39
C THR A 541 -12.88 26.14 27.44
N GLY A 542 -12.90 25.08 26.65
CA GLY A 542 -14.02 24.87 25.75
C GLY A 542 -13.67 24.02 24.55
N VAL A 543 -14.71 23.52 23.89
CA VAL A 543 -14.57 22.62 22.75
C VAL A 543 -15.38 23.17 21.58
N GLU A 544 -14.97 22.86 20.37
CA GLU A 544 -15.70 23.32 19.19
C GLU A 544 -15.34 22.57 17.94
N MET A 545 -16.28 22.48 17.01
CA MET A 545 -16.06 21.84 15.73
C MET A 545 -15.86 22.91 14.67
N PHE A 546 -16.49 22.77 13.53
CA PHE A 546 -16.44 23.83 12.55
C PHE A 546 -17.75 24.61 12.60
N ARG A 547 -18.88 23.95 12.35
CA ARG A 547 -20.18 24.61 12.44
C ARG A 547 -20.64 24.80 13.88
N LYS A 548 -20.67 23.69 14.63
CA LYS A 548 -21.06 23.71 16.04
C LYS A 548 -19.88 24.10 16.91
N LEU A 549 -20.20 24.75 18.03
CA LEU A 549 -19.24 25.08 19.07
C LEU A 549 -19.77 24.39 20.33
N LEU A 550 -19.73 23.07 20.33
CA LEU A 550 -20.35 22.25 21.38
C LEU A 550 -19.70 22.40 22.76
N ASP A 551 -20.17 21.63 23.73
CA ASP A 551 -19.67 21.75 25.10
C ASP A 551 -19.10 20.43 25.64
N GLU A 552 -19.58 19.31 25.10
CA GLU A 552 -18.98 18.00 25.38
C GLU A 552 -18.38 17.39 24.11
N GLY A 553 -17.24 16.72 24.25
CA GLY A 553 -16.60 16.09 23.11
C GLY A 553 -16.64 14.57 23.21
N ARG A 554 -17.52 13.93 22.45
CA ARG A 554 -17.62 12.47 22.50
C ARG A 554 -16.50 11.79 21.73
N ALA A 555 -16.17 10.58 22.12
CA ALA A 555 -15.22 9.77 21.37
C ALA A 555 -15.70 9.50 19.92
N GLY A 556 -14.75 9.51 18.99
CA GLY A 556 -15.05 9.23 17.60
C GLY A 556 -15.28 10.50 16.84
N GLU A 557 -15.31 11.61 17.56
CA GLU A 557 -15.56 12.92 16.95
C GLU A 557 -14.28 13.73 16.76
N ASN A 558 -14.29 14.58 15.73
CA ASN A 558 -13.11 15.34 15.32
C ASN A 558 -13.22 16.80 15.74
N VAL A 559 -12.46 17.17 16.77
CA VAL A 559 -12.68 18.42 17.51
C VAL A 559 -11.45 19.27 17.78
N GLY A 560 -11.71 20.44 18.37
CA GLY A 560 -10.69 21.37 18.81
C GLY A 560 -11.01 21.79 20.22
N VAL A 561 -10.07 21.55 21.13
CA VAL A 561 -10.30 21.81 22.54
C VAL A 561 -9.43 22.99 23.04
N LEU A 562 -10.07 23.90 23.77
CA LEU A 562 -9.39 25.08 24.30
C LEU A 562 -8.79 24.81 25.66
N LEU A 563 -7.56 25.28 25.82
CA LEU A 563 -6.80 25.08 27.03
C LEU A 563 -6.33 26.43 27.53
N ARG A 564 -6.26 26.60 28.85
CA ARG A 564 -5.86 27.86 29.44
C ARG A 564 -4.63 27.71 30.32
N GLY A 565 -3.90 28.81 30.46
CA GLY A 565 -2.75 28.87 31.36
C GLY A 565 -1.65 27.97 30.87
N ILE A 566 -1.50 27.96 29.55
CA ILE A 566 -0.58 27.07 28.86
C ILE A 566 -0.50 27.51 27.39
N LYS A 567 0.70 27.81 26.90
CA LYS A 567 0.86 28.31 25.54
C LYS A 567 1.31 27.21 24.58
N ARG A 568 1.45 27.52 23.30
CA ARG A 568 1.80 26.53 22.27
C ARG A 568 3.11 25.79 22.53
N GLU A 569 4.19 26.51 22.77
CA GLU A 569 5.54 25.92 22.78
C GLU A 569 5.74 24.80 23.82
N GLU A 570 4.80 24.66 24.75
CA GLU A 570 4.84 23.59 25.75
C GLU A 570 4.06 22.33 25.33
N ILE A 571 3.51 22.34 24.12
CA ILE A 571 2.72 21.21 23.61
C ILE A 571 3.23 20.70 22.26
N GLU A 572 3.78 19.49 22.24
CA GLU A 572 4.27 18.93 20.99
C GLU A 572 3.14 18.15 20.31
N ARG A 573 3.49 17.32 19.34
CA ARG A 573 2.53 16.47 18.66
C ARG A 573 2.77 15.02 19.06
N GLY A 574 1.70 14.24 19.15
CA GLY A 574 1.85 12.87 19.56
C GLY A 574 1.65 12.79 21.06
N GLN A 575 1.64 13.96 21.69
CA GLN A 575 1.17 14.06 23.06
C GLN A 575 -0.28 13.65 23.04
N VAL A 576 -0.75 13.17 24.18
CA VAL A 576 -2.14 12.81 24.30
C VAL A 576 -2.78 13.83 25.21
N LEU A 577 -4.09 13.81 25.34
CA LEU A 577 -4.79 14.80 26.12
C LEU A 577 -5.89 14.10 26.88
N ALA A 578 -5.51 13.44 27.97
CA ALA A 578 -6.42 12.50 28.63
C ALA A 578 -6.74 12.94 30.03
N LYS A 579 -7.67 12.21 30.66
CA LYS A 579 -7.98 12.40 32.06
C LYS A 579 -6.71 12.17 32.87
N PRO A 580 -6.59 12.87 34.02
CA PRO A 580 -5.39 12.77 34.86
C PRO A 580 -5.14 11.39 35.47
N GLY A 581 -3.90 10.91 35.39
CA GLY A 581 -3.50 9.63 36.00
C GLY A 581 -4.03 8.42 35.25
N THR A 582 -4.85 8.69 34.23
CA THR A 582 -5.47 7.67 33.40
C THR A 582 -4.40 6.84 32.66
N ILE A 583 -3.36 7.52 32.21
CA ILE A 583 -2.31 6.92 31.41
C ILE A 583 -0.97 7.61 31.61
N LYS A 584 0.02 6.87 32.09
CA LYS A 584 1.33 7.47 32.34
C LYS A 584 2.28 7.34 31.14
N PRO A 585 3.28 8.24 31.06
CA PRO A 585 4.19 8.20 29.91
C PRO A 585 5.35 7.29 30.21
N HIS A 586 5.66 6.42 29.28
CA HIS A 586 6.81 5.56 29.47
C HIS A 586 7.67 5.56 28.25
N THR A 587 8.78 4.83 28.35
CA THR A 587 9.78 4.79 27.30
C THR A 587 10.37 3.38 27.17
N LYS A 588 9.97 2.49 28.07
CA LYS A 588 10.45 1.11 28.04
C LYS A 588 9.31 0.14 28.14
N PHE A 589 9.17 -0.69 27.12
CA PHE A 589 8.09 -1.66 27.07
C PHE A 589 8.44 -2.87 26.22
N GLU A 590 7.82 -3.98 26.58
CA GLU A 590 7.94 -5.20 25.84
C GLU A 590 6.78 -5.21 24.87
N SER A 591 7.04 -5.57 23.62
CA SER A 591 5.97 -5.72 22.65
C SER A 591 6.17 -6.90 21.71
N GLU A 592 5.17 -7.14 20.88
CA GLU A 592 5.30 -8.14 19.83
C GLU A 592 4.95 -7.48 18.51
N VAL A 593 5.79 -7.72 17.52
CA VAL A 593 5.62 -7.06 16.25
C VAL A 593 5.71 -8.02 15.11
N TYR A 594 5.01 -7.68 14.03
CA TYR A 594 5.19 -8.39 12.79
C TYR A 594 6.02 -7.48 11.90
N ILE A 595 6.90 -8.06 11.10
CA ILE A 595 7.67 -7.28 10.14
C ILE A 595 7.18 -7.58 8.74
N LEU A 596 6.73 -6.54 8.04
CA LEU A 596 6.22 -6.66 6.68
C LEU A 596 7.20 -7.42 5.80
N SER A 597 6.70 -8.37 5.04
CA SER A 597 7.55 -9.13 4.16
C SER A 597 8.00 -8.24 3.03
N LYS A 598 8.90 -8.81 2.22
CA LYS A 598 9.37 -8.17 1.00
C LYS A 598 8.17 -7.79 0.14
N ASP A 599 7.36 -8.79 -0.19
CA ASP A 599 6.21 -8.59 -1.07
C ASP A 599 5.10 -7.78 -0.41
N GLU A 600 5.24 -7.50 0.88
CA GLU A 600 4.20 -6.78 1.63
C GLU A 600 4.50 -5.30 1.83
N GLY A 601 5.74 -4.89 1.54
CA GLY A 601 6.09 -3.48 1.58
C GLY A 601 7.32 -3.19 2.41
N GLY A 602 7.63 -4.12 3.32
CA GLY A 602 8.71 -3.93 4.28
C GLY A 602 10.09 -3.93 3.68
N ARG A 603 11.07 -4.22 4.52
CA ARG A 603 12.43 -4.30 4.05
C ARG A 603 12.52 -5.60 3.28
N HIS A 604 13.35 -5.66 2.24
CA HIS A 604 13.65 -6.94 1.62
C HIS A 604 14.94 -7.41 2.20
N THR A 605 15.29 -6.86 3.35
CA THR A 605 16.54 -7.18 4.02
C THR A 605 16.26 -7.34 5.50
N PRO A 606 16.82 -8.39 6.11
CA PRO A 606 16.61 -8.60 7.54
C PRO A 606 17.51 -7.67 8.30
N PHE A 607 17.22 -7.51 9.58
CA PHE A 607 18.05 -6.72 10.47
C PHE A 607 18.56 -7.62 11.57
N PHE A 608 19.35 -7.06 12.49
CA PHE A 608 20.01 -7.83 13.54
C PHE A 608 19.91 -7.18 14.91
N LYS A 609 20.99 -7.25 15.69
CA LYS A 609 20.92 -6.84 17.09
C LYS A 609 20.61 -5.37 17.30
N GLY A 610 21.16 -4.51 16.43
CA GLY A 610 21.06 -3.06 16.63
C GLY A 610 20.08 -2.26 15.79
N TYR A 611 18.89 -2.82 15.54
CA TYR A 611 17.86 -2.13 14.78
C TYR A 611 17.42 -0.85 15.50
N ARG A 612 17.47 0.27 14.78
CA ARG A 612 17.06 1.57 15.35
C ARG A 612 16.10 2.35 14.44
N PRO A 613 14.84 1.92 14.42
CA PRO A 613 13.80 2.53 13.59
C PRO A 613 13.06 3.62 14.37
N GLN A 614 12.07 4.22 13.73
CA GLN A 614 11.15 5.14 14.41
C GLN A 614 9.90 4.36 14.75
N PHE A 615 9.22 4.74 15.80
CA PHE A 615 8.00 4.04 16.20
C PHE A 615 6.80 4.97 16.07
N TYR A 616 6.10 4.88 14.94
CA TYR A 616 4.93 5.73 14.74
C TYR A 616 3.81 5.33 15.68
N PHE A 617 3.55 6.20 16.66
CA PHE A 617 2.64 5.84 17.74
C PHE A 617 1.18 6.23 17.63
N ARG A 618 0.90 7.51 17.79
CA ARG A 618 -0.48 7.95 17.63
C ARG A 618 -0.57 8.87 16.45
N THR A 619 0.38 9.80 16.40
CA THR A 619 0.39 10.83 15.38
C THR A 619 1.81 11.18 15.06
N THR A 620 2.72 10.94 16.00
CA THR A 620 4.11 11.22 15.70
C THR A 620 5.00 10.01 15.72
N ASP A 621 6.11 10.15 15.01
CA ASP A 621 7.08 9.11 14.80
C ASP A 621 8.06 9.26 15.92
N VAL A 622 8.51 8.16 16.53
CA VAL A 622 9.59 8.26 17.54
C VAL A 622 10.68 7.19 17.40
N THR A 623 11.92 7.64 17.30
CA THR A 623 13.04 6.74 17.08
C THR A 623 13.30 5.92 18.33
N GLY A 624 14.03 4.80 18.20
CA GLY A 624 14.27 3.95 19.34
C GLY A 624 15.05 2.67 19.07
N THR A 625 15.79 2.23 20.08
CA THR A 625 16.56 1.00 19.98
C THR A 625 15.73 -0.20 20.43
N ILE A 626 16.14 -1.39 20.03
CA ILE A 626 15.45 -2.60 20.45
C ILE A 626 16.41 -3.70 20.92
N GLU A 627 15.94 -4.48 21.88
CA GLU A 627 16.63 -5.69 22.28
C GLU A 627 15.99 -6.90 21.59
N LEU A 628 16.81 -7.92 21.31
CA LEU A 628 16.29 -9.19 20.85
C LEU A 628 16.20 -10.14 22.04
N PRO A 629 15.09 -10.88 22.16
CA PRO A 629 15.00 -11.84 23.25
C PRO A 629 16.07 -12.93 23.13
N GLU A 630 16.28 -13.65 24.23
CA GLU A 630 17.28 -14.69 24.34
C GLU A 630 17.35 -15.61 23.13
N GLY A 631 18.46 -15.58 22.41
CA GLY A 631 18.71 -16.61 21.41
C GLY A 631 18.29 -16.36 19.98
N VAL A 632 17.68 -15.22 19.70
CA VAL A 632 17.40 -14.87 18.30
C VAL A 632 18.32 -13.72 17.88
N GLU A 633 18.78 -13.75 16.64
CA GLU A 633 19.90 -12.91 16.23
C GLU A 633 19.72 -12.23 14.87
N MET A 634 18.74 -12.70 14.10
CA MET A 634 18.37 -12.05 12.86
C MET A 634 16.88 -12.19 12.69
N VAL A 635 16.21 -11.15 12.19
CA VAL A 635 14.81 -11.28 11.85
C VAL A 635 14.62 -10.71 10.47
N MET A 636 13.72 -11.33 9.72
CA MET A 636 13.53 -11.05 8.32
C MET A 636 12.09 -10.62 8.06
N PRO A 637 11.90 -9.86 6.99
CA PRO A 637 10.59 -9.46 6.47
C PRO A 637 9.59 -10.61 6.42
N GLY A 638 8.43 -10.45 7.05
CA GLY A 638 7.48 -11.55 7.12
C GLY A 638 7.71 -12.38 8.38
N ASP A 639 8.18 -11.74 9.44
CA ASP A 639 8.33 -12.42 10.71
C ASP A 639 7.41 -11.88 11.78
N ASN A 640 7.01 -12.76 12.68
CA ASN A 640 6.55 -12.38 14.00
C ASN A 640 7.74 -12.48 14.88
N ILE A 641 7.64 -11.89 16.07
CA ILE A 641 8.76 -11.72 16.96
C ILE A 641 8.34 -10.93 18.18
N LYS A 642 8.70 -11.46 19.35
CA LYS A 642 8.63 -10.73 20.58
C LYS A 642 9.88 -9.85 20.70
N MET A 643 9.73 -8.60 21.14
CA MET A 643 10.91 -7.78 21.44
C MET A 643 10.69 -6.75 22.54
N VAL A 644 11.78 -6.15 22.98
CA VAL A 644 11.73 -5.11 23.99
C VAL A 644 12.14 -3.78 23.41
N VAL A 645 11.24 -2.81 23.50
CA VAL A 645 11.44 -1.54 22.84
C VAL A 645 11.76 -0.47 23.85
N THR A 646 12.80 0.29 23.54
CA THR A 646 13.19 1.41 24.37
C THR A 646 13.48 2.60 23.45
N LEU A 647 12.48 3.46 23.35
CA LEU A 647 12.47 4.57 22.42
C LEU A 647 13.08 5.79 23.10
N ILE A 648 13.53 6.74 22.28
CA ILE A 648 14.39 7.84 22.74
C ILE A 648 13.79 8.81 23.80
N HIS A 649 12.51 9.12 23.71
CA HIS A 649 11.87 9.92 24.77
C HIS A 649 10.36 9.66 24.84
N PRO A 650 9.85 9.37 26.05
CA PRO A 650 8.57 8.78 26.41
C PRO A 650 7.39 9.23 25.59
N ILE A 651 6.43 8.32 25.45
CA ILE A 651 5.09 8.63 24.95
C ILE A 651 4.11 8.00 25.92
N ALA A 652 2.96 8.65 26.10
CA ALA A 652 1.90 8.09 26.93
C ALA A 652 1.32 6.80 26.33
N MET A 653 1.31 5.73 27.13
CA MET A 653 0.89 4.41 26.65
C MET A 653 0.20 3.51 27.69
N ASP A 654 -0.62 2.59 27.19
CA ASP A 654 -1.00 1.40 27.97
C ASP A 654 -1.23 0.18 27.08
N ASP A 655 -1.15 -0.99 27.70
CA ASP A 655 -1.24 -2.29 27.01
C ASP A 655 -2.43 -2.42 26.08
N GLY A 656 -2.15 -2.44 24.78
CA GLY A 656 -3.18 -2.57 23.79
C GLY A 656 -2.98 -1.49 22.76
N LEU A 657 -1.79 -0.90 22.80
CA LEU A 657 -1.52 0.21 21.91
C LEU A 657 -0.83 -0.23 20.64
N ARG A 658 -1.57 -0.13 19.54
CA ARG A 658 -1.00 -0.47 18.26
C ARG A 658 -0.04 0.63 17.79
N PHE A 659 1.19 0.24 17.54
CA PHE A 659 2.15 1.12 16.93
C PHE A 659 2.71 0.45 15.70
N ALA A 660 2.80 1.22 14.62
CA ALA A 660 3.49 0.73 13.44
C ALA A 660 4.94 1.02 13.66
N ILE A 661 5.76 0.71 12.67
CA ILE A 661 7.19 0.93 12.76
C ILE A 661 7.64 1.48 11.43
N ARG A 662 8.04 2.74 11.41
CA ARG A 662 8.45 3.34 10.17
C ARG A 662 9.97 3.29 10.01
N GLU A 663 10.40 3.15 8.77
CA GLU A 663 11.80 3.31 8.39
C GLU A 663 11.78 4.37 7.29
N GLY A 664 12.32 5.54 7.62
CA GLY A 664 12.36 6.68 6.72
C GLY A 664 11.03 6.99 6.04
N GLY A 665 9.95 6.96 6.80
CA GLY A 665 8.65 7.34 6.26
C GLY A 665 7.78 6.17 5.80
N ARG A 666 8.41 5.03 5.54
CA ARG A 666 7.68 3.83 5.10
C ARG A 666 7.50 2.83 6.21
N THR A 667 6.29 2.31 6.30
CA THR A 667 5.90 1.36 7.34
C THR A 667 6.37 -0.10 7.05
N VAL A 668 7.34 -0.59 7.80
CA VAL A 668 7.89 -1.92 7.58
C VAL A 668 7.64 -2.86 8.73
N GLY A 669 6.78 -2.43 9.64
CA GLY A 669 6.44 -3.24 10.79
C GLY A 669 5.15 -2.77 11.39
N ALA A 670 4.66 -3.55 12.34
CA ALA A 670 3.47 -3.21 13.09
C ALA A 670 3.61 -4.02 14.35
N GLY A 671 2.88 -3.65 15.40
CA GLY A 671 3.03 -4.32 16.67
C GLY A 671 2.26 -3.67 17.78
N VAL A 672 1.98 -4.44 18.82
CA VAL A 672 1.25 -3.93 19.97
C VAL A 672 2.08 -4.12 21.22
N VAL A 673 2.03 -3.13 22.11
CA VAL A 673 2.75 -3.20 23.37
C VAL A 673 2.17 -4.33 24.22
N ALA A 674 3.04 -5.16 24.78
CA ALA A 674 2.62 -6.30 25.57
C ALA A 674 2.66 -5.96 27.06
N LYS A 675 3.86 -5.75 27.58
CA LYS A 675 4.02 -5.23 28.94
C LYS A 675 4.92 -4.00 28.94
N VAL A 676 4.49 -2.97 29.66
CA VAL A 676 5.24 -1.74 29.81
C VAL A 676 6.24 -1.91 30.96
N LEU A 677 7.50 -1.56 30.72
CA LEU A 677 8.54 -1.98 31.65
C LEU A 677 8.97 -0.95 32.70
N SER A 678 10.08 -1.27 33.36
CA SER A 678 10.61 -0.47 34.47
C SER A 678 10.85 0.98 34.11
N GLY A 679 11.50 1.20 32.97
CA GLY A 679 11.85 2.56 32.53
C GLY A 679 13.34 2.84 32.54
N ALA A 680 13.82 3.55 31.51
CA ALA A 680 15.24 3.87 31.40
C ALA A 680 15.48 5.12 30.54
N SER A 700 26.63 5.60 12.05
CA SER A 700 27.16 6.90 12.51
C SER A 700 27.63 7.73 11.30
N SER A 701 26.85 8.75 10.96
CA SER A 701 27.16 9.61 9.81
C SER A 701 28.14 10.73 10.17
N ARG A 702 29.05 11.04 9.24
CA ARG A 702 29.98 12.15 9.42
C ARG A 702 29.32 13.50 9.13
N ASN A 703 29.21 14.34 10.14
CA ASN A 703 28.72 15.70 9.96
C ASN A 703 29.60 16.48 8.98
N SER A 704 30.88 16.11 8.90
CA SER A 704 31.80 16.77 7.98
C SER A 704 31.40 16.42 6.56
N LEU A 705 30.94 15.19 6.36
CA LEU A 705 30.49 14.76 5.05
C LEU A 705 29.31 15.59 4.52
N SER A 706 28.23 15.65 5.30
CA SER A 706 27.05 16.42 4.93
C SER A 706 27.45 17.83 4.52
N ALA A 707 28.38 18.41 5.28
CA ALA A 707 28.81 19.80 5.13
C ALA A 707 29.78 19.98 3.94
N GLN A 708 30.37 18.87 3.51
CA GLN A 708 31.21 18.85 2.32
C GLN A 708 30.32 18.87 1.11
N LEU A 709 29.20 18.16 1.22
CA LEU A 709 28.27 18.02 0.12
C LEU A 709 27.51 19.32 -0.09
N ARG A 710 27.04 19.90 1.02
CA ARG A 710 26.29 21.15 1.04
C ARG A 710 27.07 22.20 0.27
N ARG A 711 28.39 22.17 0.47
CA ARG A 711 29.35 23.06 -0.20
C ARG A 711 29.28 22.91 -1.71
N ALA A 712 29.32 21.64 -2.12
CA ALA A 712 29.39 21.24 -3.50
C ALA A 712 28.03 21.29 -4.16
N ALA A 713 27.00 21.07 -3.34
CA ALA A 713 25.64 21.18 -3.84
C ALA A 713 25.40 22.59 -4.35
N ASN A 714 26.06 23.57 -3.75
CA ASN A 714 25.85 24.94 -4.16
C ASN A 714 26.86 25.36 -5.20
N THR A 715 27.61 24.40 -5.68
CA THR A 715 28.61 24.68 -6.66
C THR A 715 27.96 24.94 -8.00
N ARG A 716 27.80 26.21 -8.36
CA ARG A 716 27.34 26.51 -9.70
C ARG A 716 28.37 26.03 -10.71
N ILE A 717 27.95 25.28 -11.70
CA ILE A 717 28.90 24.84 -12.71
C ILE A 717 28.89 25.70 -13.96
N GLU A 718 30.06 25.85 -14.57
CA GLU A 718 30.27 26.74 -15.70
C GLU A 718 30.60 26.00 -16.99
N VAL A 719 29.89 26.38 -18.06
CA VAL A 719 30.05 25.77 -19.36
C VAL A 719 30.31 26.83 -20.44
N GLU A 720 31.08 26.44 -21.45
CA GLU A 720 31.36 27.28 -22.60
C GLU A 720 30.21 27.38 -23.61
N GLY A 721 28.98 27.46 -23.11
CA GLY A 721 27.83 27.65 -23.97
C GLY A 721 26.53 27.10 -23.41
N ASN A 722 25.67 26.64 -24.31
CA ASN A 722 24.46 25.93 -23.92
C ASN A 722 24.82 24.48 -23.60
N LEU A 723 24.68 24.11 -22.35
CA LEU A 723 25.07 22.78 -21.91
C LEU A 723 24.08 21.76 -22.42
N ALA A 724 22.80 22.07 -22.28
CA ALA A 724 21.74 21.24 -22.84
C ALA A 724 22.02 20.93 -24.32
N LEU A 725 21.82 21.93 -25.18
CA LEU A 725 22.12 21.82 -26.61
C LEU A 725 23.39 21.04 -26.88
N SER A 726 24.39 21.23 -26.04
CA SER A 726 25.57 20.40 -26.13
C SER A 726 25.25 18.95 -25.81
N ILE A 727 24.62 18.69 -24.66
CA ILE A 727 24.34 17.31 -24.27
C ILE A 727 23.48 16.60 -25.32
N ALA A 728 22.39 17.24 -25.71
CA ALA A 728 21.46 16.66 -26.68
C ALA A 728 22.19 16.42 -27.97
N ASN A 729 23.00 17.36 -28.41
CA ASN A 729 23.81 17.13 -29.61
C ASN A 729 24.75 15.95 -29.48
N ASP A 730 25.56 15.98 -28.43
CA ASP A 730 26.62 14.97 -28.24
C ASP A 730 26.02 13.60 -27.99
N LEU A 731 24.72 13.60 -27.70
CA LEU A 731 23.90 12.39 -27.55
C LEU A 731 23.36 11.86 -28.90
N LEU A 732 22.87 12.76 -29.73
CA LEU A 732 22.42 12.40 -31.07
C LEU A 732 23.53 11.73 -31.85
N LEU A 733 24.73 12.29 -31.75
CA LEU A 733 25.87 11.70 -32.41
C LEU A 733 26.07 10.30 -31.84
N ALA A 734 25.78 10.16 -30.55
CA ALA A 734 25.99 8.89 -29.85
C ALA A 734 25.08 7.79 -30.41
N TYR A 735 24.22 8.18 -31.35
CA TYR A 735 23.21 7.33 -31.98
C TYR A 735 23.20 7.42 -33.52
N GLY A 736 24.32 7.84 -34.13
CA GLY A 736 24.38 8.07 -35.57
C GLY A 736 23.61 9.29 -36.06
N GLN A 737 22.52 9.61 -35.36
CA GLN A 737 21.60 10.65 -35.80
C GLN A 737 22.23 12.04 -35.91
N SER A 738 21.91 12.70 -37.02
CA SER A 738 22.40 14.03 -37.33
C SER A 738 21.90 15.03 -36.31
N PRO A 739 22.84 15.80 -35.70
CA PRO A 739 22.67 16.77 -34.63
C PRO A 739 22.19 18.14 -35.10
N PHE A 740 21.86 19.00 -34.13
CA PHE A 740 21.43 20.37 -34.40
C PHE A 740 22.62 21.20 -34.83
N ASN A 741 22.41 22.05 -35.83
CA ASN A 741 23.46 22.92 -36.34
C ASN A 741 23.27 24.30 -35.75
N SER A 742 22.00 24.67 -35.64
CA SER A 742 21.63 25.89 -34.99
C SER A 742 20.66 25.61 -33.87
N GLU A 743 20.31 26.66 -33.15
CA GLU A 743 19.46 26.60 -31.98
C GLU A 743 17.98 26.73 -32.35
N ALA A 744 17.70 26.83 -33.65
CA ALA A 744 16.34 26.93 -34.17
C ALA A 744 15.83 25.54 -34.49
N GLU A 745 16.77 24.71 -34.96
CA GLU A 745 16.45 23.35 -35.37
C GLU A 745 15.96 22.53 -34.20
N CYS A 746 16.15 23.02 -32.97
CA CYS A 746 15.72 22.32 -31.76
C CYS A 746 14.21 22.15 -31.66
N ILE A 747 13.47 22.95 -32.43
CA ILE A 747 12.01 23.08 -32.30
C ILE A 747 11.28 23.18 -33.66
N SER A 748 12.01 22.83 -34.72
CA SER A 748 11.50 22.91 -36.07
C SER A 748 11.89 21.61 -36.77
N PHE A 749 12.33 20.65 -35.96
CA PHE A 749 12.61 19.33 -36.45
C PHE A 749 11.42 18.47 -36.17
N SER A 750 10.79 17.96 -37.24
CA SER A 750 9.68 17.00 -37.16
C SER A 750 10.18 15.58 -37.47
N PRO A 751 9.91 14.62 -36.55
CA PRO A 751 10.41 13.25 -36.71
C PRO A 751 9.77 12.52 -37.89
N ARG A 752 10.20 11.29 -38.14
CA ARG A 752 9.55 10.45 -39.15
C ARG A 752 8.86 9.30 -38.44
N PHE A 753 7.73 8.85 -39.00
CA PHE A 753 6.93 7.81 -38.35
C PHE A 753 7.04 6.42 -38.98
N ASP A 754 8.18 6.12 -39.59
CA ASP A 754 8.48 4.77 -40.11
C ASP A 754 9.55 4.13 -39.23
N GLY A 755 10.40 3.33 -39.85
CA GLY A 755 11.58 2.78 -39.20
C GLY A 755 11.33 1.95 -37.95
N THR A 756 12.36 1.22 -37.53
CA THR A 756 12.27 0.37 -36.35
C THR A 756 11.91 1.26 -35.15
N PRO A 757 11.36 0.67 -34.07
CA PRO A 757 11.16 1.44 -32.84
C PRO A 757 12.39 2.24 -32.40
N ASP A 758 13.58 1.68 -32.59
CA ASP A 758 14.82 2.34 -32.22
C ASP A 758 15.06 3.56 -33.10
N ASP A 759 14.89 3.41 -34.41
CA ASP A 759 15.09 4.51 -35.34
C ASP A 759 14.12 5.61 -35.02
N PHE A 760 13.04 5.23 -34.37
CA PHE A 760 12.07 6.20 -33.91
C PHE A 760 12.45 6.83 -32.58
N ARG A 761 12.36 6.03 -31.51
CA ARG A 761 12.55 6.45 -30.12
C ARG A 761 13.46 7.65 -30.01
N ILE A 762 14.66 7.46 -30.54
CA ILE A 762 15.70 8.48 -30.58
C ILE A 762 15.34 9.69 -31.44
N ASN A 763 14.72 9.44 -32.59
CA ASN A 763 14.43 10.50 -33.55
C ASN A 763 13.31 11.36 -32.98
N TYR A 764 12.62 10.77 -32.03
CA TYR A 764 11.49 11.41 -31.40
C TYR A 764 11.96 12.28 -30.25
N LEU A 765 12.68 11.65 -29.32
CA LEU A 765 13.35 12.37 -28.26
C LEU A 765 14.12 13.58 -28.82
N LYS A 766 14.72 13.42 -30.00
CA LYS A 766 15.38 14.52 -30.70
C LYS A 766 14.47 15.74 -30.90
N ALA A 767 13.33 15.49 -31.54
CA ALA A 767 12.32 16.52 -31.78
C ALA A 767 11.63 16.98 -30.51
N GLU A 768 11.86 16.28 -29.40
CA GLU A 768 11.11 16.53 -28.19
C GLU A 768 11.91 17.11 -27.01
N ILE A 769 13.13 16.64 -26.82
CA ILE A 769 13.93 16.97 -25.63
C ILE A 769 14.08 18.50 -25.44
N MET A 770 14.32 19.20 -26.54
CA MET A 770 14.63 20.60 -26.46
C MET A 770 13.39 21.46 -26.34
N SER A 771 12.25 20.96 -26.80
CA SER A 771 11.00 21.72 -26.83
C SER A 771 10.81 22.80 -25.76
N LYS A 772 11.17 22.50 -24.52
CA LYS A 772 10.82 23.42 -23.46
C LYS A 772 11.93 24.30 -22.90
N TYR A 773 13.08 24.33 -23.56
CA TYR A 773 14.18 25.23 -23.20
C TYR A 773 13.82 26.73 -23.31
N ASP A 774 13.44 27.31 -22.17
CA ASP A 774 13.04 28.70 -22.06
C ASP A 774 14.18 29.62 -22.46
N ASP A 775 15.34 29.34 -21.89
CA ASP A 775 16.52 30.13 -22.16
C ASP A 775 17.14 29.86 -23.52
N PHE A 776 16.47 30.35 -24.56
CA PHE A 776 17.00 30.25 -25.90
C PHE A 776 17.43 31.63 -26.32
N SER A 777 18.70 31.75 -26.68
CA SER A 777 19.34 33.05 -26.89
C SER A 777 18.63 33.90 -27.95
N LEU A 778 19.09 33.82 -29.20
CA LEU A 778 18.37 34.57 -30.25
C LEU A 778 17.06 33.87 -30.65
N GLY A 779 16.50 33.11 -29.71
CA GLY A 779 15.07 32.90 -29.72
C GLY A 779 14.45 34.29 -29.67
N ILE A 780 14.16 34.81 -30.86
CA ILE A 780 13.41 36.06 -31.05
C ILE A 780 11.93 35.83 -30.71
N ASP A 781 11.69 35.22 -29.56
CA ASP A 781 10.34 34.79 -29.17
C ASP A 781 9.86 35.50 -27.94
N THR A 782 8.73 35.06 -27.42
CA THR A 782 8.08 35.78 -26.33
C THR A 782 7.00 34.95 -25.57
N GLU A 783 6.08 35.72 -24.98
CA GLU A 783 4.95 35.22 -24.23
C GLU A 783 3.81 36.02 -24.78
N ALA A 784 4.16 37.04 -25.56
CA ALA A 784 3.19 37.86 -26.25
C ALA A 784 2.44 36.95 -27.17
N VAL A 785 3.17 36.00 -27.74
CA VAL A 785 2.55 35.00 -28.58
C VAL A 785 1.49 34.21 -27.80
N ALA A 786 1.73 33.95 -26.52
CA ALA A 786 0.74 33.27 -25.68
C ALA A 786 -0.55 34.08 -25.68
N TRP A 787 -0.40 35.40 -25.54
CA TRP A 787 -1.53 36.35 -25.54
C TRP A 787 -2.21 36.40 -26.89
N GLU A 788 -1.38 36.40 -27.93
CA GLU A 788 -1.87 36.46 -29.30
C GLU A 788 -2.83 35.32 -29.59
N LYS A 789 -2.62 34.17 -28.93
CA LYS A 789 -3.50 33.02 -29.14
C LYS A 789 -4.76 33.16 -28.31
N PHE A 790 -4.57 33.49 -27.03
CA PHE A 790 -5.67 33.65 -26.10
C PHE A 790 -6.73 34.57 -26.68
N LEU A 791 -6.31 35.43 -27.62
CA LEU A 791 -7.22 36.32 -28.31
C LEU A 791 -8.16 35.59 -29.26
N ALA A 792 -7.64 34.59 -29.98
CA ALA A 792 -8.47 33.72 -30.83
C ALA A 792 -9.39 32.81 -30.00
N ALA A 793 -8.80 32.18 -28.99
CA ALA A 793 -9.55 31.41 -28.00
C ALA A 793 -10.79 32.17 -27.47
N GLU A 794 -10.86 33.45 -27.74
CA GLU A 794 -12.10 34.17 -27.53
C GLU A 794 -12.63 34.66 -28.86
N ALA A 795 -11.73 34.96 -29.80
CA ALA A 795 -12.15 35.48 -31.10
C ALA A 795 -12.92 34.43 -31.88
N GLU A 796 -12.47 33.18 -31.76
CA GLU A 796 -13.19 32.10 -32.38
C GLU A 796 -14.39 31.86 -31.51
N CYS A 797 -14.11 31.63 -30.23
CA CYS A 797 -15.14 31.40 -29.23
C CYS A 797 -16.32 32.38 -29.33
N ALA A 798 -16.03 33.60 -29.78
CA ALA A 798 -17.05 34.57 -30.16
C ALA A 798 -17.89 34.00 -31.30
N LEU A 799 -17.21 33.69 -32.41
CA LEU A 799 -17.86 33.27 -33.65
C LEU A 799 -18.83 32.14 -33.42
N THR A 800 -18.41 31.19 -32.58
CA THR A 800 -19.25 30.04 -32.28
C THR A 800 -20.42 30.42 -31.37
N ASN A 801 -20.12 30.88 -30.16
CA ASN A 801 -21.10 31.49 -29.26
C ASN A 801 -22.28 32.15 -29.94
N ALA A 802 -22.03 32.76 -31.10
CA ALA A 802 -23.06 33.43 -31.88
C ALA A 802 -23.75 32.48 -32.86
N ARG A 803 -22.99 31.98 -33.83
CA ARG A 803 -23.52 31.06 -34.84
C ARG A 803 -24.06 29.77 -34.21
N LEU A 804 -23.69 29.53 -32.96
CA LEU A 804 -24.32 28.49 -32.15
C LEU A 804 -25.69 28.91 -31.63
N TYR A 805 -26.15 30.11 -32.00
CA TYR A 805 -27.51 30.55 -31.67
C TYR A 805 -28.40 30.84 -32.91
N ARG A 806 -28.56 29.83 -33.75
CA ARG A 806 -29.70 29.71 -34.66
C ARG A 806 -29.64 28.39 -35.41
N PRO A 807 -30.06 27.28 -34.75
CA PRO A 807 -30.20 25.99 -35.40
C PRO A 807 -31.56 25.75 -36.10
N ASP A 808 -32.07 26.74 -36.82
CA ASP A 808 -33.07 26.45 -37.89
C ASP A 808 -32.67 26.81 -39.34
N TYR A 809 -31.45 26.40 -39.72
CA TYR A 809 -30.85 26.50 -41.08
C TYR A 809 -31.49 27.55 -41.97
N SER A 810 -32.68 27.21 -42.44
CA SER A 810 -33.61 28.18 -42.97
C SER A 810 -35.00 27.62 -42.69
N GLU A 811 -35.28 26.52 -43.38
CA GLU A 811 -36.46 25.70 -43.17
C GLU A 811 -35.93 24.32 -42.81
N ASP A 812 -36.73 23.53 -42.09
CA ASP A 812 -36.36 22.15 -41.77
C ASP A 812 -36.11 21.33 -43.05
N PHE A 813 -34.88 20.84 -43.21
CA PHE A 813 -34.49 20.05 -44.39
C PHE A 813 -33.15 19.40 -44.09
N ASN A 814 -32.15 20.24 -43.84
CA ASN A 814 -30.80 19.83 -43.52
C ASN A 814 -30.70 19.38 -42.07
N PHE A 815 -29.93 18.30 -41.83
CA PHE A 815 -29.77 17.74 -40.48
C PHE A 815 -28.29 17.47 -40.20
N SER A 816 -27.71 18.28 -39.32
CA SER A 816 -26.26 18.32 -39.10
C SER A 816 -25.77 17.36 -38.02
N LEU A 817 -24.56 16.87 -38.20
CA LEU A 817 -24.01 15.82 -37.35
C LEU A 817 -23.71 16.33 -35.95
N GLY A 818 -23.16 17.54 -35.88
CA GLY A 818 -22.94 18.19 -34.61
C GLY A 818 -24.21 18.27 -33.80
N GLU A 819 -25.14 19.09 -34.29
CA GLU A 819 -26.40 19.40 -33.58
C GLU A 819 -26.98 18.16 -32.94
N SER A 820 -26.92 17.06 -33.69
CA SER A 820 -27.42 15.77 -33.28
C SER A 820 -26.69 15.25 -32.05
N CYS A 821 -25.37 15.35 -32.09
CA CYS A 821 -24.54 14.92 -30.98
C CYS A 821 -24.78 15.74 -29.75
N ILE A 822 -24.93 17.04 -29.93
CA ILE A 822 -25.23 17.96 -28.84
C ILE A 822 -26.49 17.47 -28.19
N HIS A 823 -27.49 17.23 -29.05
CA HIS A 823 -28.79 16.78 -28.60
C HIS A 823 -28.62 15.50 -27.81
N MET A 824 -27.82 14.59 -28.34
CA MET A 824 -27.58 13.33 -27.68
C MET A 824 -26.72 13.53 -26.46
N ALA A 825 -25.72 14.41 -26.58
CA ALA A 825 -24.81 14.62 -25.48
C ALA A 825 -25.60 15.21 -24.34
N ARG A 826 -26.45 16.18 -24.68
CA ARG A 826 -27.22 16.89 -23.67
C ARG A 826 -27.98 15.89 -22.80
N ARG A 827 -28.73 14.98 -23.46
CA ARG A 827 -29.54 13.96 -22.78
C ARG A 827 -28.65 13.10 -21.88
N LYS A 828 -27.51 12.75 -22.47
CA LYS A 828 -26.56 11.82 -21.89
C LYS A 828 -26.00 12.47 -20.66
N ILE A 829 -25.68 13.76 -20.79
CA ILE A 829 -25.07 14.51 -19.70
C ILE A 829 -25.93 14.39 -18.47
N ALA A 830 -27.22 14.69 -18.65
CA ALA A 830 -28.14 14.86 -17.53
C ALA A 830 -28.48 13.58 -16.77
N LYS A 831 -28.31 12.42 -17.40
CA LYS A 831 -28.54 11.17 -16.69
C LYS A 831 -27.39 10.96 -15.71
N LEU A 832 -26.23 11.46 -16.10
CA LEU A 832 -24.99 11.30 -15.34
C LEU A 832 -24.89 12.31 -14.23
N ILE A 833 -25.51 13.48 -14.44
CA ILE A 833 -25.19 14.72 -13.69
C ILE A 833 -26.17 15.07 -12.56
N GLY A 834 -27.43 15.23 -12.91
CA GLY A 834 -28.44 15.75 -12.00
C GLY A 834 -29.00 17.05 -12.55
N ASP A 835 -30.15 17.46 -12.05
CA ASP A 835 -30.75 18.70 -12.54
C ASP A 835 -30.00 19.87 -11.88
N VAL A 836 -29.49 19.62 -10.66
CA VAL A 836 -28.64 20.56 -9.92
C VAL A 836 -27.71 19.89 -8.93
N PRO A 837 -26.50 20.46 -8.77
CA PRO A 837 -25.53 19.93 -7.79
C PRO A 837 -26.12 19.81 -6.39
N SER A 838 -26.28 18.57 -5.95
CA SER A 838 -26.66 18.27 -4.58
C SER A 838 -25.73 19.04 -3.65
N VAL A 839 -26.30 19.89 -2.80
CA VAL A 839 -25.52 20.59 -1.77
C VAL A 839 -24.76 19.59 -0.88
N GLU A 840 -25.38 18.44 -0.63
CA GLU A 840 -24.73 17.29 0.00
C GLU A 840 -23.39 17.03 -0.64
N GLY A 841 -23.44 16.74 -1.94
CA GLY A 841 -22.23 16.55 -2.74
C GLY A 841 -21.47 17.84 -3.03
N MET A 842 -22.05 18.98 -2.69
CA MET A 842 -21.44 20.28 -2.93
C MET A 842 -20.57 20.72 -1.77
N LEU A 843 -21.10 20.60 -0.56
CA LEU A 843 -20.35 21.07 0.58
C LEU A 843 -19.16 20.18 0.89
N ARG A 844 -19.35 18.86 0.84
CA ARG A 844 -18.25 17.93 1.15
C ARG A 844 -17.24 17.80 0.01
N HIS A 845 -17.43 18.59 -1.05
CA HIS A 845 -16.45 18.64 -2.15
C HIS A 845 -15.68 19.97 -2.28
N CYS A 846 -16.18 21.05 -1.68
CA CYS A 846 -15.56 22.39 -1.75
C CYS A 846 -14.41 22.54 -0.79
N ARG A 847 -13.35 23.22 -1.26
CA ARG A 847 -12.14 23.33 -0.48
C ARG A 847 -11.31 24.51 -0.89
N PHE A 848 -10.41 24.88 0.02
CA PHE A 848 -9.46 25.96 -0.19
C PHE A 848 -8.15 25.33 -0.51
N SER A 849 -7.59 25.62 -1.68
CA SER A 849 -6.44 24.85 -2.04
C SER A 849 -5.49 25.41 -3.06
N GLY A 850 -4.21 25.27 -2.73
CA GLY A 850 -3.15 25.39 -3.70
C GLY A 850 -2.26 26.62 -3.58
N GLY A 851 -2.60 27.62 -4.38
CA GLY A 851 -1.74 28.77 -4.49
C GLY A 851 -2.51 30.04 -4.71
N ALA A 852 -2.16 30.70 -5.82
CA ALA A 852 -2.56 32.07 -6.07
C ALA A 852 -4.05 32.25 -6.18
N THR A 853 -4.54 33.26 -5.49
CA THR A 853 -5.90 33.71 -5.63
C THR A 853 -5.69 35.13 -6.08
N THR A 854 -6.77 35.86 -6.37
CA THR A 854 -6.63 37.27 -6.77
C THR A 854 -6.09 38.10 -5.60
N THR A 855 -6.58 37.76 -4.40
CA THR A 855 -6.13 38.35 -3.15
C THR A 855 -4.79 37.80 -2.66
N ASN A 856 -4.41 36.59 -3.08
CA ASN A 856 -3.12 36.07 -2.65
C ASN A 856 -2.15 35.93 -3.81
N ASN A 857 -1.06 35.23 -3.53
CA ASN A 857 -0.02 34.98 -4.51
C ASN A 857 0.79 33.79 -4.06
N ARG A 858 1.64 33.29 -4.96
CA ARG A 858 2.28 31.98 -4.78
C ARG A 858 2.86 31.83 -3.36
N SER A 859 3.30 32.92 -2.76
CA SER A 859 3.79 32.92 -1.38
C SER A 859 2.66 32.59 -0.41
N TYR A 860 1.49 33.17 -0.65
CA TYR A 860 0.40 33.10 0.31
C TYR A 860 -0.66 32.13 -0.17
N GLY A 861 -0.19 31.03 -0.74
CA GLY A 861 -1.04 30.09 -1.45
C GLY A 861 -1.64 28.96 -0.64
N HIS A 862 -0.82 28.38 0.25
CA HIS A 862 -1.30 27.37 1.18
C HIS A 862 -2.58 27.80 1.88
N PRO A 863 -3.63 26.95 1.81
CA PRO A 863 -4.99 27.05 2.38
C PRO A 863 -5.19 27.86 3.69
N SER A 864 -4.20 27.94 4.58
CA SER A 864 -4.40 28.67 5.83
C SER A 864 -4.45 30.18 5.58
N PHE A 865 -3.71 30.60 4.54
CA PHE A 865 -3.68 32.00 4.11
C PHE A 865 -4.87 32.30 3.21
N LYS A 866 -5.97 31.60 3.47
CA LYS A 866 -7.21 31.80 2.73
C LYS A 866 -8.32 32.03 3.75
N PHE A 867 -8.14 31.42 4.92
CA PHE A 867 -9.08 31.57 6.04
C PHE A 867 -8.64 32.76 6.88
N ALA A 868 -7.33 32.92 6.95
CA ALA A 868 -6.75 34.08 7.59
C ALA A 868 -7.12 35.28 6.74
N LEU A 869 -6.47 35.42 5.59
CA LEU A 869 -6.81 36.52 4.70
C LEU A 869 -8.18 36.33 4.06
N PRO A 870 -9.02 37.38 4.09
CA PRO A 870 -10.22 37.54 3.27
C PRO A 870 -9.99 37.31 1.76
N GLN A 871 -10.86 36.53 1.14
CA GLN A 871 -10.72 36.23 -0.27
C GLN A 871 -11.78 36.93 -1.10
N ALA A 872 -11.55 37.04 -2.40
CA ALA A 872 -12.50 37.74 -3.26
C ALA A 872 -13.68 36.89 -3.63
N CYS A 873 -14.86 37.47 -3.62
CA CYS A 873 -16.00 36.78 -4.11
C CYS A 873 -16.38 37.49 -5.38
N THR A 874 -17.49 37.12 -5.98
CA THR A 874 -17.89 37.67 -7.25
C THR A 874 -19.37 37.89 -7.08
N PRO A 875 -19.91 38.95 -7.72
CA PRO A 875 -21.29 39.39 -7.59
C PRO A 875 -22.25 38.21 -7.40
N ARG A 876 -22.46 37.45 -8.49
CA ARG A 876 -23.37 36.30 -8.49
C ARG A 876 -23.07 35.31 -7.37
N ALA A 877 -21.77 35.04 -7.18
CA ALA A 877 -21.22 34.04 -6.25
C ALA A 877 -21.30 34.41 -4.77
N LEU A 878 -21.77 35.62 -4.48
CA LEU A 878 -21.94 36.04 -3.11
C LEU A 878 -22.72 35.01 -2.33
N LYS A 879 -23.96 34.78 -2.77
CA LYS A 879 -24.94 33.94 -2.07
C LYS A 879 -24.40 32.64 -1.45
N TYR A 880 -23.33 32.11 -2.03
CA TYR A 880 -22.78 30.87 -1.54
C TYR A 880 -21.93 31.14 -0.33
N VAL A 881 -21.14 32.20 -0.43
CA VAL A 881 -20.24 32.53 0.67
C VAL A 881 -21.08 32.89 1.89
N LEU A 882 -22.24 33.47 1.66
CA LEU A 882 -23.11 33.80 2.77
C LEU A 882 -23.60 32.51 3.43
N ALA A 883 -23.71 31.46 2.62
CA ALA A 883 -24.22 30.18 3.10
C ALA A 883 -23.21 29.56 4.04
N LEU A 884 -21.96 29.57 3.61
CA LEU A 884 -20.86 29.19 4.46
C LEU A 884 -20.92 29.94 5.81
N ARG A 885 -21.28 31.21 5.77
CA ARG A 885 -21.24 32.11 6.95
C ARG A 885 -22.34 31.85 7.99
N ALA A 886 -23.46 31.30 7.54
CA ALA A 886 -24.51 30.82 8.43
C ALA A 886 -24.31 29.32 8.66
N SER A 887 -23.36 28.75 7.92
CA SER A 887 -22.98 27.34 8.04
C SER A 887 -21.94 27.14 9.14
N THR A 888 -21.35 28.24 9.60
CA THR A 888 -20.44 28.19 10.75
C THR A 888 -20.49 29.46 11.63
N HIS A 889 -19.93 29.34 12.83
CA HIS A 889 -19.78 30.46 13.75
C HIS A 889 -18.42 31.08 13.60
N PHE A 890 -17.77 30.81 12.48
CA PHE A 890 -16.42 31.30 12.26
C PHE A 890 -16.49 32.49 11.33
N ASP A 891 -15.33 33.08 11.08
CA ASP A 891 -15.27 34.31 10.32
C ASP A 891 -15.00 34.10 8.84
N ILE A 892 -15.91 34.62 8.04
CA ILE A 892 -15.92 34.40 6.62
C ILE A 892 -15.69 35.74 5.94
N ARG A 893 -14.44 36.05 5.70
CA ARG A 893 -14.07 37.38 5.27
C ARG A 893 -14.11 37.52 3.75
N ILE A 894 -15.07 38.29 3.25
CA ILE A 894 -15.12 38.65 1.83
C ILE A 894 -14.37 39.96 1.63
N SER A 895 -13.25 39.97 0.90
CA SER A 895 -12.57 41.26 0.72
C SER A 895 -13.33 42.10 -0.31
N ASP A 896 -12.70 42.40 -1.45
CA ASP A 896 -13.45 43.02 -2.54
C ASP A 896 -14.64 42.11 -2.97
N ILE A 897 -15.59 42.68 -3.73
CA ILE A 897 -16.60 41.91 -4.44
C ILE A 897 -16.54 42.43 -5.86
N SER A 898 -15.93 41.64 -6.71
CA SER A 898 -15.75 41.97 -8.12
C SER A 898 -15.95 40.72 -9.01
N PRO A 899 -16.38 40.94 -10.27
CA PRO A 899 -16.49 39.88 -11.26
C PRO A 899 -15.19 39.79 -12.06
N PHE A 900 -14.04 39.89 -11.40
CA PHE A 900 -12.79 39.86 -12.13
C PHE A 900 -11.80 38.79 -11.68
N ASN A 901 -11.20 38.11 -12.67
CA ASN A 901 -10.07 37.25 -12.38
C ASN A 901 -8.83 37.72 -13.13
N LYS A 902 -7.66 37.59 -12.50
CA LYS A 902 -6.42 38.03 -13.12
C LYS A 902 -5.92 36.97 -14.11
N ALA A 903 -5.80 37.40 -15.37
CA ALA A 903 -5.19 36.62 -16.44
C ALA A 903 -3.71 37.00 -16.58
N VAL A 904 -2.85 36.00 -16.57
CA VAL A 904 -1.42 36.20 -16.45
C VAL A 904 -0.76 35.24 -17.41
N THR A 905 0.50 34.92 -17.17
CA THR A 905 1.20 34.00 -18.05
C THR A 905 2.27 33.19 -17.33
N VAL A 906 2.25 31.88 -17.55
CA VAL A 906 3.20 30.93 -16.99
C VAL A 906 3.95 30.26 -18.16
N PRO A 907 5.20 29.81 -17.97
CA PRO A 907 5.96 29.36 -19.15
C PRO A 907 5.45 28.03 -19.71
N LYS A 908 5.57 27.80 -21.02
CA LYS A 908 5.04 26.56 -21.61
C LYS A 908 5.99 25.88 -22.61
N ASN A 909 6.07 26.47 -23.80
CA ASN A 909 7.04 26.07 -24.80
C ASN A 909 8.15 27.07 -24.92
N SER A 910 9.01 26.83 -25.88
CA SER A 910 10.06 27.77 -26.20
C SER A 910 9.53 28.67 -27.30
N LYS A 911 8.34 28.35 -27.80
CA LYS A 911 7.74 29.12 -28.88
C LYS A 911 6.52 29.86 -28.39
N THR A 912 6.15 29.58 -27.14
CA THR A 912 4.97 30.18 -26.55
C THR A 912 4.85 29.91 -25.06
N ASP A 913 3.88 30.55 -24.43
CA ASP A 913 3.60 30.36 -23.02
C ASP A 913 2.12 29.98 -22.81
N ARG A 914 1.72 29.77 -21.56
CA ARG A 914 0.31 29.57 -21.24
C ARG A 914 -0.27 30.93 -20.96
N CYS A 915 -1.57 30.96 -20.68
CA CYS A 915 -2.22 32.18 -20.23
C CYS A 915 -3.22 31.75 -19.21
N ILE A 916 -2.76 31.08 -18.16
CA ILE A 916 -3.63 30.73 -17.07
C ILE A 916 -4.35 31.97 -16.51
N ALA A 917 -5.27 31.75 -15.58
CA ALA A 917 -6.02 32.83 -14.99
C ALA A 917 -6.31 32.50 -13.53
N ILE A 918 -5.98 33.45 -12.65
CA ILE A 918 -6.06 33.28 -11.20
C ILE A 918 -7.41 33.72 -10.66
N GLU A 919 -8.19 32.76 -10.19
CA GLU A 919 -9.58 33.07 -9.83
C GLU A 919 -9.71 33.66 -8.41
N PRO A 920 -10.72 34.51 -8.21
CA PRO A 920 -11.19 34.94 -6.91
C PRO A 920 -11.29 33.80 -5.90
N GLY A 921 -10.36 33.77 -4.94
CA GLY A 921 -10.29 32.73 -3.94
C GLY A 921 -11.54 32.10 -3.34
N TRP A 922 -12.69 32.75 -3.44
CA TRP A 922 -13.94 32.13 -2.97
C TRP A 922 -14.59 31.36 -4.07
N ASN A 923 -14.54 31.92 -5.27
CA ASN A 923 -15.01 31.24 -6.46
C ASN A 923 -14.25 29.91 -6.57
N MET A 924 -12.94 30.00 -6.50
CA MET A 924 -12.09 28.82 -6.45
C MET A 924 -12.47 27.76 -5.42
N PHE A 925 -13.03 28.17 -4.28
CA PHE A 925 -13.43 27.26 -3.18
C PHE A 925 -14.65 26.44 -3.64
N PHE A 926 -15.58 27.13 -4.29
CA PHE A 926 -16.80 26.48 -4.74
C PHE A 926 -16.53 25.80 -6.06
N GLN A 927 -15.82 26.48 -6.96
CA GLN A 927 -15.44 25.88 -8.23
C GLN A 927 -14.79 24.52 -7.98
N LEU A 928 -13.94 24.45 -6.95
CA LEU A 928 -13.30 23.19 -6.58
C LEU A 928 -14.28 22.19 -5.98
N GLY A 929 -15.39 22.68 -5.46
CA GLY A 929 -16.38 21.76 -4.97
C GLY A 929 -17.25 21.18 -6.05
N ILE A 930 -17.55 21.99 -7.06
CA ILE A 930 -18.37 21.54 -8.16
C ILE A 930 -17.43 20.87 -9.12
N GLY A 931 -16.15 21.16 -9.02
CA GLY A 931 -15.17 20.43 -9.79
C GLY A 931 -14.99 19.03 -9.23
N GLY A 932 -15.44 18.81 -8.00
CA GLY A 932 -15.24 17.52 -7.35
C GLY A 932 -16.48 16.65 -7.46
N ILE A 933 -17.65 17.27 -7.40
CA ILE A 933 -18.87 16.51 -7.55
C ILE A 933 -19.01 16.13 -9.03
N LEU A 934 -18.41 16.93 -9.90
CA LEU A 934 -18.40 16.68 -11.33
C LEU A 934 -17.22 15.78 -11.68
N ARG A 935 -16.78 14.95 -10.74
CA ARG A 935 -15.58 14.18 -11.01
C ARG A 935 -15.77 12.86 -10.38
N ASP A 936 -16.36 12.89 -9.19
CA ASP A 936 -16.73 11.66 -8.54
C ASP A 936 -17.87 11.09 -9.38
N ARG A 937 -18.69 11.98 -9.91
CA ARG A 937 -19.85 11.59 -10.72
C ARG A 937 -19.37 11.12 -12.10
N LEU A 938 -18.30 11.72 -12.59
CA LEU A 938 -17.80 11.41 -13.94
C LEU A 938 -17.17 10.00 -14.03
N ARG A 939 -17.24 9.26 -12.93
CA ARG A 939 -16.49 8.03 -12.80
C ARG A 939 -17.37 6.86 -13.25
N CYS A 940 -18.66 7.16 -13.40
CA CYS A 940 -19.68 6.22 -13.91
C CYS A 940 -19.59 5.98 -15.42
N TRP A 941 -18.86 6.83 -16.12
CA TRP A 941 -18.67 6.68 -17.55
C TRP A 941 -17.33 6.02 -17.74
N GLY A 942 -16.77 5.62 -16.59
CA GLY A 942 -15.51 4.92 -16.53
C GLY A 942 -14.37 5.89 -16.65
N ILE A 943 -14.56 7.08 -16.10
CA ILE A 943 -13.55 8.10 -16.23
C ILE A 943 -12.99 8.45 -14.85
N ASP A 944 -11.73 8.06 -14.64
CA ASP A 944 -11.00 8.30 -13.40
C ASP A 944 -9.88 9.27 -13.69
N LEU A 945 -9.94 10.45 -13.06
CA LEU A 945 -9.00 11.54 -13.32
C LEU A 945 -7.86 11.59 -12.30
N ASN A 946 -8.08 10.93 -11.16
CA ASN A 946 -7.01 10.66 -10.22
C ASN A 946 -6.39 9.30 -10.52
N ASP A 947 -6.32 9.02 -11.81
CA ASP A 947 -5.68 7.83 -12.33
C ASP A 947 -5.55 8.00 -13.81
N GLN A 948 -4.41 8.49 -14.26
CA GLN A 948 -4.27 8.72 -15.68
C GLN A 948 -3.55 7.53 -16.24
N THR A 949 -3.49 6.47 -15.44
CA THR A 949 -2.98 5.20 -15.87
C THR A 949 -3.95 4.69 -16.93
N ILE A 950 -5.19 4.52 -16.51
CA ILE A 950 -6.25 3.98 -17.38
C ILE A 950 -6.51 4.81 -18.64
N ASN A 951 -5.59 5.72 -18.97
CA ASN A 951 -5.74 6.52 -20.17
C ASN A 951 -4.44 6.59 -20.94
N GLN A 952 -3.44 5.90 -20.44
CA GLN A 952 -2.14 5.90 -21.08
C GLN A 952 -1.77 4.45 -21.33
N ARG A 953 -2.42 3.58 -20.56
CA ARG A 953 -2.36 2.16 -20.77
C ARG A 953 -3.07 1.94 -22.06
N ARG A 954 -4.15 2.68 -22.26
CA ARG A 954 -4.92 2.52 -23.49
C ARG A 954 -4.25 3.22 -24.66
N ALA A 955 -3.22 4.02 -24.40
CA ALA A 955 -2.44 4.58 -25.49
C ALA A 955 -1.52 3.49 -26.01
N HIS A 956 -1.31 2.47 -25.17
CA HIS A 956 -0.37 1.38 -25.42
C HIS A 956 -0.98 0.49 -26.45
N GLU A 957 -2.14 -0.05 -26.07
CA GLU A 957 -3.08 -0.74 -26.95
C GLU A 957 -3.15 -0.05 -28.30
N GLY A 958 -3.65 1.18 -28.36
CA GLY A 958 -3.73 1.94 -29.61
C GLY A 958 -2.52 1.86 -30.55
N SER A 959 -1.32 1.98 -29.99
CA SER A 959 -0.05 1.93 -30.75
C SER A 959 0.17 0.60 -31.48
N VAL A 960 -0.44 -0.46 -30.91
CA VAL A 960 -0.44 -1.79 -31.50
C VAL A 960 -1.79 -2.04 -32.21
N THR A 961 -2.85 -2.28 -31.44
CA THR A 961 -4.24 -2.37 -31.92
C THR A 961 -4.66 -1.47 -33.10
N ASN A 962 -4.29 -0.20 -33.09
CA ASN A 962 -4.66 0.71 -34.17
C ASN A 962 -6.15 0.96 -34.29
N ASN A 963 -6.91 0.49 -33.31
CA ASN A 963 -8.35 0.71 -33.27
C ASN A 963 -8.69 1.82 -32.28
N LEU A 964 -7.74 2.11 -31.39
CA LEU A 964 -7.82 3.26 -30.48
C LEU A 964 -6.99 4.43 -30.98
N ALA A 965 -7.58 5.61 -30.89
CA ALA A 965 -6.93 6.82 -31.34
C ALA A 965 -6.81 7.81 -30.20
N THR A 966 -5.61 8.38 -30.04
CA THR A 966 -5.42 9.45 -29.07
C THR A 966 -5.71 10.76 -29.79
N VAL A 967 -6.37 11.67 -29.08
CA VAL A 967 -6.77 12.97 -29.60
C VAL A 967 -6.33 14.12 -28.68
N ASP A 968 -6.22 15.33 -29.27
CA ASP A 968 -5.70 16.55 -28.63
C ASP A 968 -6.30 17.77 -29.38
N LEU A 969 -6.75 18.76 -28.60
CA LEU A 969 -7.41 19.94 -29.15
C LEU A 969 -6.45 21.14 -29.09
N SER A 970 -6.79 22.25 -29.71
CA SER A 970 -5.77 23.28 -29.82
C SER A 970 -5.73 24.21 -28.63
N ALA A 971 -6.88 24.68 -28.16
CA ALA A 971 -6.94 25.54 -26.99
C ALA A 971 -8.03 24.91 -26.18
N ALA A 972 -7.76 23.74 -25.62
CA ALA A 972 -8.84 22.90 -25.11
C ALA A 972 -9.82 23.61 -24.17
N SER A 973 -9.37 23.93 -22.97
CA SER A 973 -10.22 24.54 -21.94
C SER A 973 -10.64 25.93 -22.38
N ASP A 974 -9.85 26.51 -23.26
CA ASP A 974 -10.07 27.89 -23.69
C ASP A 974 -11.13 28.08 -24.76
N SER A 975 -11.43 27.04 -25.54
CA SER A 975 -12.41 27.24 -26.62
C SER A 975 -13.82 26.70 -26.31
N ILE A 976 -14.06 26.41 -25.04
CA ILE A 976 -15.38 25.97 -24.58
C ILE A 976 -16.34 27.15 -24.50
N SER A 977 -17.28 27.27 -25.45
CA SER A 977 -18.23 28.40 -25.46
C SER A 977 -19.14 28.49 -24.25
N LEU A 978 -19.39 29.71 -23.83
CA LEU A 978 -20.50 30.03 -22.94
C LEU A 978 -21.81 29.56 -23.57
N ALA A 979 -21.81 29.48 -24.89
CA ALA A 979 -22.97 29.04 -25.63
C ALA A 979 -23.07 27.54 -25.53
N LEU A 980 -22.01 26.85 -25.97
CA LEU A 980 -22.02 25.39 -25.97
C LEU A 980 -22.37 24.87 -24.58
N CYS A 981 -21.79 25.49 -23.57
CA CYS A 981 -21.92 24.95 -22.23
C CYS A 981 -23.35 25.02 -21.77
N GLU A 982 -24.06 26.01 -22.30
CA GLU A 982 -25.46 26.24 -21.98
C GLU A 982 -26.33 25.16 -22.60
N LEU A 983 -25.99 24.80 -23.83
CA LEU A 983 -26.75 23.86 -24.62
C LEU A 983 -26.70 22.45 -24.07
N LEU A 984 -25.62 22.13 -23.36
CA LEU A 984 -25.44 20.79 -22.81
C LEU A 984 -25.87 20.67 -21.35
N LEU A 985 -25.25 21.44 -20.49
CA LEU A 985 -25.50 21.25 -19.08
C LEU A 985 -26.96 21.55 -18.80
N PRO A 986 -27.54 20.86 -17.80
CA PRO A 986 -28.85 21.20 -17.20
C PRO A 986 -28.92 22.70 -16.90
N PRO A 987 -30.11 23.31 -16.93
CA PRO A 987 -30.18 24.75 -16.62
C PRO A 987 -29.76 25.00 -15.19
N GLY A 988 -30.09 24.07 -14.30
CA GLY A 988 -29.71 24.18 -12.89
C GLY A 988 -28.22 24.10 -12.66
N TRP A 989 -27.53 23.31 -13.46
CA TRP A 989 -26.07 23.28 -13.39
C TRP A 989 -25.51 24.52 -14.01
N PHE A 990 -25.97 24.83 -15.22
CA PHE A 990 -25.46 25.95 -15.99
C PHE A 990 -25.67 27.27 -15.22
N GLU A 991 -26.54 27.27 -14.22
CA GLU A 991 -26.60 28.38 -13.28
C GLU A 991 -25.33 28.41 -12.44
N VAL A 992 -25.21 27.40 -11.58
CA VAL A 992 -24.10 27.24 -10.68
C VAL A 992 -22.76 27.33 -11.36
N LEU A 993 -22.71 27.20 -12.68
CA LEU A 993 -21.45 27.43 -13.38
C LEU A 993 -21.28 28.88 -13.82
N MET A 994 -22.40 29.55 -14.03
CA MET A 994 -22.37 30.96 -14.39
C MET A 994 -22.20 31.76 -13.10
N ASP A 995 -22.68 31.19 -12.01
CA ASP A 995 -22.51 31.81 -10.71
C ASP A 995 -21.04 31.84 -10.29
N LEU A 996 -20.41 30.67 -10.25
CA LEU A 996 -19.04 30.53 -9.77
C LEU A 996 -17.98 31.08 -10.68
N ARG A 997 -18.27 31.07 -11.98
CA ARG A 997 -17.27 31.49 -12.95
C ARG A 997 -16.95 32.97 -12.83
N SER A 998 -15.75 33.34 -13.25
CA SER A 998 -15.37 34.74 -13.39
C SER A 998 -15.68 35.22 -14.81
N PRO A 999 -16.63 36.15 -14.90
CA PRO A 999 -17.19 36.64 -16.17
C PRO A 999 -16.30 37.61 -16.91
N LYS A 1000 -15.42 38.28 -16.18
CA LYS A 1000 -14.56 39.27 -16.79
C LYS A 1000 -13.16 39.10 -16.27
N GLY A 1001 -12.17 39.51 -17.05
CA GLY A 1001 -10.80 39.33 -16.63
C GLY A 1001 -9.96 40.55 -16.92
N ARG A 1002 -9.09 40.89 -15.98
CA ARG A 1002 -8.16 41.97 -16.21
C ARG A 1002 -6.79 41.45 -16.55
N LEU A 1003 -6.23 42.03 -17.59
CA LEU A 1003 -4.96 41.62 -18.15
C LEU A 1003 -3.81 42.37 -17.49
N PRO A 1004 -2.57 41.93 -17.73
CA PRO A 1004 -1.44 42.78 -17.35
C PRO A 1004 -1.39 44.04 -18.20
N ASP A 1005 -2.13 44.01 -19.32
CA ASP A 1005 -2.24 45.10 -20.28
C ASP A 1005 -3.18 46.19 -19.77
N GLY A 1006 -3.58 46.08 -18.50
CA GLY A 1006 -4.51 46.98 -17.85
C GLY A 1006 -5.95 46.69 -18.24
N SER A 1007 -6.09 46.26 -19.50
CA SER A 1007 -7.38 46.15 -20.18
C SER A 1007 -8.20 44.97 -19.69
N VAL A 1008 -9.52 45.16 -19.67
CA VAL A 1008 -10.43 44.12 -19.25
C VAL A 1008 -11.01 43.38 -20.44
N VAL A 1009 -11.36 42.11 -20.20
CA VAL A 1009 -12.10 41.31 -21.17
C VAL A 1009 -13.23 40.61 -20.42
N THR A 1010 -14.33 40.38 -21.14
CA THR A 1010 -15.52 39.68 -20.64
C THR A 1010 -15.54 38.32 -21.30
N TYR A 1011 -15.55 37.27 -20.49
CA TYR A 1011 -15.24 35.94 -20.98
C TYR A 1011 -16.29 35.33 -21.91
N GLU A 1012 -15.87 35.01 -23.15
CA GLU A 1012 -16.62 34.21 -24.13
C GLU A 1012 -16.49 32.75 -23.80
N LYS A 1013 -15.30 32.34 -23.39
CA LYS A 1013 -15.12 31.02 -22.82
C LYS A 1013 -15.84 31.05 -21.49
N ILE A 1014 -16.61 30.02 -21.19
CA ILE A 1014 -17.27 29.94 -19.90
C ILE A 1014 -16.19 29.97 -18.80
N SER A 1015 -15.09 29.29 -19.07
CA SER A 1015 -14.08 29.06 -18.05
C SER A 1015 -12.72 28.92 -18.67
N SER A 1016 -11.74 29.48 -17.97
CA SER A 1016 -10.37 29.47 -18.46
C SER A 1016 -9.57 28.46 -17.66
N MET A 1017 -8.32 28.25 -18.08
CA MET A 1017 -7.39 27.48 -17.28
C MET A 1017 -7.13 28.15 -15.93
N GLY A 1018 -7.12 27.37 -14.87
CA GLY A 1018 -6.80 27.89 -13.55
C GLY A 1018 -8.07 28.04 -12.76
N ASN A 1019 -9.18 28.04 -13.49
CA ASN A 1019 -10.49 28.04 -12.90
C ASN A 1019 -10.72 26.71 -12.19
N GLY A 1020 -11.54 26.73 -11.14
CA GLY A 1020 -11.52 25.66 -10.15
C GLY A 1020 -12.27 24.40 -10.51
N TYR A 1021 -12.95 24.44 -11.64
CA TYR A 1021 -13.69 23.30 -12.11
C TYR A 1021 -13.45 22.99 -13.59
N THR A 1022 -12.74 23.88 -14.28
CA THR A 1022 -12.57 23.77 -15.73
C THR A 1022 -12.05 22.43 -16.23
N PHE A 1023 -11.14 21.80 -15.50
CA PHE A 1023 -10.67 20.52 -15.94
C PHE A 1023 -11.77 19.48 -16.05
N GLU A 1024 -12.56 19.33 -15.00
CA GLU A 1024 -13.58 18.29 -14.96
C GLU A 1024 -14.65 18.54 -15.99
N LEU A 1025 -15.01 19.80 -16.16
CA LEU A 1025 -15.99 20.19 -17.14
C LEU A 1025 -15.57 19.82 -18.55
N GLU A 1026 -14.38 20.23 -18.96
CA GLU A 1026 -13.96 19.91 -20.32
C GLU A 1026 -13.79 18.43 -20.47
N SER A 1027 -13.56 17.71 -19.39
CA SER A 1027 -13.49 16.26 -19.51
C SER A 1027 -14.87 15.78 -19.90
N LEU A 1028 -15.79 16.02 -18.98
CA LEU A 1028 -17.18 15.68 -19.16
C LEU A 1028 -17.80 16.16 -20.48
N ILE A 1029 -17.44 17.34 -20.95
CA ILE A 1029 -17.94 17.80 -22.23
C ILE A 1029 -17.42 16.93 -23.36
N PHE A 1030 -16.11 16.78 -23.44
CA PHE A 1030 -15.47 15.96 -24.45
C PHE A 1030 -15.89 14.51 -24.42
N ALA A 1031 -16.02 13.97 -23.20
CA ALA A 1031 -16.48 12.61 -22.98
C ALA A 1031 -17.91 12.46 -23.48
N SER A 1032 -18.73 13.44 -23.10
CA SER A 1032 -20.10 13.49 -23.51
C SER A 1032 -20.22 13.27 -24.99
N LEU A 1033 -19.40 13.98 -25.76
CA LEU A 1033 -19.53 14.07 -27.22
C LEU A 1033 -18.92 12.88 -27.95
N ALA A 1034 -17.75 12.46 -27.48
CA ALA A 1034 -17.14 11.26 -27.98
C ALA A 1034 -18.21 10.18 -27.88
N ARG A 1035 -18.78 10.01 -26.68
CA ARG A 1035 -19.82 9.01 -26.50
C ARG A 1035 -21.06 9.16 -27.39
N SER A 1036 -21.51 10.39 -27.62
CA SER A 1036 -22.57 10.62 -28.59
C SER A 1036 -22.08 10.25 -29.98
N VAL A 1037 -20.82 10.53 -30.29
CA VAL A 1037 -20.28 10.13 -31.59
C VAL A 1037 -20.13 8.62 -31.63
N CYS A 1038 -20.24 7.97 -30.49
CA CYS A 1038 -20.20 6.52 -30.48
C CYS A 1038 -21.56 5.85 -30.77
N GLU A 1039 -22.54 6.07 -29.90
CA GLU A 1039 -23.93 5.68 -30.16
C GLU A 1039 -24.29 5.98 -31.60
N ILE A 1040 -23.88 7.15 -32.09
CA ILE A 1040 -24.25 7.63 -33.43
C ILE A 1040 -23.65 6.77 -34.52
N LEU A 1041 -22.73 5.89 -34.13
CA LEU A 1041 -22.07 5.06 -35.12
C LEU A 1041 -22.12 3.56 -34.79
N ASP A 1042 -23.07 3.16 -33.95
CA ASP A 1042 -23.18 1.79 -33.51
C ASP A 1042 -21.80 1.36 -32.96
N LEU A 1043 -21.31 2.09 -31.97
CA LEU A 1043 -20.04 1.77 -31.35
C LEU A 1043 -20.18 1.87 -29.84
N ASP A 1044 -19.43 1.04 -29.10
CA ASP A 1044 -19.46 1.10 -27.63
C ASP A 1044 -18.95 2.44 -27.07
N SER A 1045 -19.84 3.23 -26.48
CA SER A 1045 -19.47 4.48 -25.84
C SER A 1045 -18.52 4.22 -24.64
N SER A 1046 -18.60 3.03 -24.09
CA SER A 1046 -17.72 2.57 -23.01
C SER A 1046 -16.25 2.45 -23.45
N GLU A 1047 -16.00 2.58 -24.75
CA GLU A 1047 -14.65 2.52 -25.30
C GLU A 1047 -14.03 3.92 -25.39
N VAL A 1048 -14.81 4.92 -24.98
CA VAL A 1048 -14.36 6.32 -24.90
C VAL A 1048 -13.84 6.68 -23.52
N THR A 1049 -12.59 7.15 -23.51
CA THR A 1049 -11.92 7.56 -22.29
C THR A 1049 -11.27 8.94 -22.50
N VAL A 1050 -11.60 9.86 -21.58
CA VAL A 1050 -11.19 11.25 -21.63
C VAL A 1050 -10.43 11.64 -20.37
N TYR A 1051 -9.31 12.33 -20.57
CA TYR A 1051 -8.60 12.98 -19.46
C TYR A 1051 -8.38 14.42 -19.81
N GLY A 1052 -9.28 15.28 -19.36
CA GLY A 1052 -9.18 16.67 -19.73
C GLY A 1052 -9.33 16.73 -21.22
N ASP A 1053 -8.25 17.03 -21.94
CA ASP A 1053 -8.34 17.19 -23.38
C ASP A 1053 -7.80 15.94 -24.02
N ASP A 1054 -7.20 15.09 -23.19
CA ASP A 1054 -6.54 13.89 -23.66
C ASP A 1054 -7.54 12.76 -23.81
N ILE A 1055 -8.43 12.90 -24.79
CA ILE A 1055 -9.54 11.97 -25.00
C ILE A 1055 -9.15 10.86 -25.98
N ILE A 1056 -9.52 9.63 -25.63
CA ILE A 1056 -9.14 8.45 -26.40
C ILE A 1056 -10.43 7.72 -26.82
N LEU A 1057 -10.56 7.45 -28.12
CA LEU A 1057 -11.77 6.79 -28.61
C LEU A 1057 -11.45 5.86 -29.81
N PRO A 1058 -12.40 4.96 -30.18
CA PRO A 1058 -12.37 4.17 -31.41
C PRO A 1058 -11.99 4.94 -32.69
N SER A 1059 -11.01 4.42 -33.40
CA SER A 1059 -10.39 5.11 -34.53
C SER A 1059 -11.38 5.51 -35.63
N CYS A 1060 -12.49 4.79 -35.73
CA CYS A 1060 -13.46 5.04 -36.80
C CYS A 1060 -14.25 6.31 -36.52
N ALA A 1061 -14.49 6.55 -35.23
CA ALA A 1061 -15.24 7.72 -34.79
C ALA A 1061 -14.53 9.02 -35.13
N VAL A 1062 -13.19 9.00 -35.23
CA VAL A 1062 -12.41 10.24 -35.33
C VAL A 1062 -12.85 11.29 -36.36
N PRO A 1063 -13.09 10.90 -37.62
CA PRO A 1063 -13.49 11.94 -38.58
C PRO A 1063 -14.87 12.55 -38.29
N ALA A 1064 -15.67 11.86 -37.49
CA ALA A 1064 -16.97 12.38 -37.05
C ALA A 1064 -16.76 13.29 -35.85
N LEU A 1065 -16.00 12.77 -34.88
CA LEU A 1065 -15.60 13.52 -33.71
C LEU A 1065 -14.94 14.77 -34.19
N ARG A 1066 -14.17 14.65 -35.25
CA ARG A 1066 -13.53 15.82 -35.82
C ARG A 1066 -14.56 16.80 -36.38
N GLU A 1067 -15.55 16.29 -37.12
CA GLU A 1067 -16.59 17.14 -37.71
C GLU A 1067 -17.56 17.71 -36.68
N VAL A 1068 -17.73 17.00 -35.57
CA VAL A 1068 -18.50 17.51 -34.43
C VAL A 1068 -17.74 18.71 -33.85
N PHE A 1069 -16.49 18.46 -33.47
CA PHE A 1069 -15.67 19.47 -32.84
C PHE A 1069 -15.57 20.72 -33.71
N LYS A 1070 -15.44 20.53 -35.02
CA LYS A 1070 -15.46 21.65 -35.96
C LYS A 1070 -16.71 22.51 -35.75
N TYR A 1071 -17.80 21.87 -35.38
CA TYR A 1071 -19.08 22.57 -35.21
C TYR A 1071 -19.18 23.21 -33.83
N VAL A 1072 -19.01 22.40 -32.79
CA VAL A 1072 -19.09 22.88 -31.41
C VAL A 1072 -18.02 23.93 -31.06
N GLY A 1073 -17.24 24.35 -32.06
CA GLY A 1073 -16.26 25.42 -31.89
C GLY A 1073 -14.82 24.99 -31.82
N PHE A 1074 -14.56 23.85 -31.18
CA PHE A 1074 -13.19 23.44 -30.90
C PHE A 1074 -12.46 23.20 -32.21
N THR A 1075 -11.14 23.07 -32.09
CA THR A 1075 -10.31 22.75 -33.24
C THR A 1075 -9.27 21.72 -32.82
N THR A 1076 -8.94 20.83 -33.73
CA THR A 1076 -8.32 19.57 -33.38
C THR A 1076 -6.84 19.58 -33.70
N ASN A 1077 -6.03 19.29 -32.69
CA ASN A 1077 -4.58 19.34 -32.85
C ASN A 1077 -4.04 18.20 -33.71
N THR A 1078 -4.23 18.31 -35.03
CA THR A 1078 -3.79 17.29 -36.00
C THR A 1078 -2.43 16.69 -35.67
N LYS A 1079 -1.56 17.55 -35.13
CA LYS A 1079 -0.21 17.18 -34.78
C LYS A 1079 -0.14 16.24 -33.59
N LYS A 1080 -1.11 16.34 -32.70
CA LYS A 1080 -1.06 15.53 -31.51
C LYS A 1080 -2.16 14.48 -31.46
N THR A 1081 -3.01 14.47 -32.50
CA THR A 1081 -4.09 13.48 -32.63
C THR A 1081 -3.74 12.34 -33.58
N PHE A 1082 -3.86 11.12 -33.07
CA PHE A 1082 -3.27 9.99 -33.73
C PHE A 1082 -4.20 8.80 -33.88
N SER A 1083 -4.54 8.49 -35.13
CA SER A 1083 -5.45 7.39 -35.47
C SER A 1083 -4.87 6.28 -36.37
N GLU A 1084 -4.16 6.65 -37.44
CA GLU A 1084 -3.70 5.62 -38.35
C GLU A 1084 -2.25 5.25 -38.08
N GLY A 1085 -1.53 6.11 -37.36
CA GLY A 1085 -0.11 5.87 -37.12
C GLY A 1085 0.21 4.57 -36.39
N PRO A 1086 1.51 4.19 -36.35
CA PRO A 1086 2.02 3.15 -35.46
C PRO A 1086 2.20 3.70 -34.07
N PHE A 1087 1.88 4.98 -33.91
CA PHE A 1087 2.19 5.77 -32.71
C PHE A 1087 0.95 6.33 -32.06
N ARG A 1088 0.90 6.19 -30.74
CA ARG A 1088 -0.10 6.86 -29.89
C ARG A 1088 0.58 7.51 -28.68
N GLU A 1089 0.07 8.67 -28.26
CA GLU A 1089 0.53 9.36 -27.05
C GLU A 1089 -0.66 9.83 -26.22
N SER A 1090 -0.61 9.58 -24.91
CA SER A 1090 -1.67 10.06 -24.00
C SER A 1090 -1.22 10.06 -22.54
N CYS A 1091 -1.63 11.08 -21.80
CA CYS A 1091 -1.27 11.26 -20.40
C CYS A 1091 0.23 11.18 -20.15
N GLY A 1092 0.96 11.77 -21.08
CA GLY A 1092 2.41 11.93 -20.96
C GLY A 1092 3.21 10.69 -21.23
N LYS A 1093 2.52 9.63 -21.63
CA LYS A 1093 3.17 8.44 -22.08
C LYS A 1093 3.05 8.36 -23.60
N HIS A 1094 4.14 7.97 -24.25
CA HIS A 1094 4.20 7.85 -25.70
C HIS A 1094 4.54 6.43 -26.05
N TYR A 1095 3.99 5.96 -27.17
CA TYR A 1095 4.12 4.57 -27.55
C TYR A 1095 4.22 4.41 -29.06
N TYR A 1096 5.04 3.45 -29.48
CA TYR A 1096 5.27 3.16 -30.90
C TYR A 1096 5.33 1.65 -31.12
N SER A 1097 4.24 1.10 -31.63
CA SER A 1097 4.09 -0.34 -31.78
C SER A 1097 4.25 -0.99 -30.42
N GLY A 1098 3.46 -0.53 -29.45
CA GLY A 1098 3.44 -1.08 -28.11
C GLY A 1098 4.69 -0.76 -27.28
N VAL A 1099 5.60 0.00 -27.89
CA VAL A 1099 6.91 0.21 -27.31
C VAL A 1099 7.03 1.63 -26.72
N ASP A 1100 7.63 1.71 -25.53
CA ASP A 1100 7.71 2.98 -24.83
C ASP A 1100 8.71 3.96 -25.47
N VAL A 1101 8.23 5.14 -25.85
CA VAL A 1101 9.13 6.15 -26.42
C VAL A 1101 8.96 7.50 -25.74
N THR A 1102 8.41 7.46 -24.53
CA THR A 1102 8.26 8.70 -23.76
C THR A 1102 9.66 9.34 -23.68
N PRO A 1103 9.80 10.54 -24.28
CA PRO A 1103 11.03 11.32 -24.16
C PRO A 1103 11.08 11.97 -22.79
N PHE A 1104 12.15 12.72 -22.54
CA PHE A 1104 12.22 13.64 -21.41
C PHE A 1104 12.70 14.98 -21.95
N TYR A 1105 12.28 16.07 -21.29
CA TYR A 1105 12.55 17.40 -21.79
C TYR A 1105 13.61 18.07 -20.95
N ILE A 1106 14.39 18.94 -21.59
CA ILE A 1106 15.33 19.79 -20.87
C ILE A 1106 14.73 21.18 -20.72
N ARG A 1107 14.02 21.41 -19.62
CA ARG A 1107 13.27 22.65 -19.49
C ARG A 1107 14.18 23.86 -19.33
N HIS A 1108 14.48 24.24 -18.09
CA HIS A 1108 15.22 25.47 -17.81
C HIS A 1108 16.74 25.32 -17.89
N ARG A 1109 17.44 26.47 -17.95
CA ARG A 1109 18.90 26.46 -18.13
C ARG A 1109 19.60 25.74 -17.00
N ILE A 1110 20.31 24.71 -17.42
CA ILE A 1110 21.07 23.83 -16.54
C ILE A 1110 22.25 24.60 -15.92
N VAL A 1111 22.35 24.60 -14.60
CA VAL A 1111 23.42 25.37 -13.99
C VAL A 1111 23.88 24.84 -12.65
N SER A 1112 22.97 24.69 -11.69
CA SER A 1112 23.36 24.20 -10.36
C SER A 1112 23.53 22.71 -10.52
N PRO A 1113 24.29 22.06 -9.63
CA PRO A 1113 24.55 20.64 -9.86
C PRO A 1113 23.25 19.85 -9.70
N ALA A 1114 22.23 20.46 -9.09
CA ALA A 1114 20.92 19.84 -8.98
C ALA A 1114 20.22 19.73 -10.35
N ASP A 1115 20.41 20.73 -11.20
CA ASP A 1115 19.90 20.72 -12.58
C ASP A 1115 20.65 19.72 -13.47
N LEU A 1116 21.85 19.36 -13.10
CA LEU A 1116 22.53 18.33 -13.86
C LEU A 1116 22.28 16.97 -13.25
N ILE A 1117 22.09 16.90 -11.94
CA ILE A 1117 21.65 15.65 -11.35
C ILE A 1117 20.32 15.29 -12.01
N LEU A 1118 19.49 16.30 -12.23
CA LEU A 1118 18.16 16.01 -12.77
C LEU A 1118 18.21 15.49 -14.19
N VAL A 1119 18.97 16.15 -15.05
CA VAL A 1119 19.05 15.75 -16.47
C VAL A 1119 19.73 14.41 -16.65
N LEU A 1120 20.77 14.17 -15.86
CA LEU A 1120 21.52 12.92 -15.93
C LEU A 1120 20.60 11.77 -15.48
N ASN A 1121 19.63 12.10 -14.66
CA ASN A 1121 18.73 11.08 -14.18
C ASN A 1121 17.62 10.72 -15.17
N ASN A 1122 17.08 11.71 -15.86
CA ASN A 1122 16.10 11.40 -16.89
C ASN A 1122 16.73 10.64 -18.02
N LEU A 1123 17.97 10.94 -18.37
CA LEU A 1123 18.62 10.18 -19.42
C LEU A 1123 18.92 8.79 -18.91
N TYR A 1124 19.02 8.64 -17.59
CA TYR A 1124 19.31 7.35 -16.99
C TYR A 1124 18.11 6.44 -17.09
N ARG A 1125 16.95 6.94 -16.66
CA ARG A 1125 15.69 6.22 -16.87
C ARG A 1125 15.35 5.96 -18.35
N TRP A 1126 15.38 7.01 -19.18
CA TRP A 1126 15.14 6.88 -20.62
C TRP A 1126 16.01 5.87 -21.34
N ALA A 1127 17.19 5.53 -20.82
CA ALA A 1127 18.04 4.57 -21.55
C ALA A 1127 18.53 3.34 -20.76
N THR A 1128 17.85 3.05 -19.67
CA THR A 1128 18.20 1.88 -18.88
C THR A 1128 17.05 0.90 -18.71
N ILE A 1129 17.43 -0.38 -18.66
CA ILE A 1129 16.54 -1.41 -18.14
C ILE A 1129 17.21 -2.12 -16.98
N ASP A 1130 16.70 -1.86 -15.78
CA ASP A 1130 17.23 -2.46 -14.55
C ASP A 1130 18.72 -2.24 -14.35
N GLY A 1131 19.14 -0.99 -14.38
CA GLY A 1131 20.53 -0.63 -14.12
C GLY A 1131 21.49 -1.14 -15.19
N VAL A 1132 20.95 -1.46 -16.37
CA VAL A 1132 21.74 -1.96 -17.51
C VAL A 1132 21.64 -0.99 -18.67
N TRP A 1133 22.74 -0.30 -18.93
CA TRP A 1133 22.71 0.83 -19.87
C TRP A 1133 22.70 0.44 -21.34
N ASP A 1134 21.83 1.11 -22.11
CA ASP A 1134 21.99 1.15 -23.55
C ASP A 1134 23.33 1.82 -23.84
N PRO A 1135 24.34 1.05 -24.29
CA PRO A 1135 25.74 1.46 -24.39
C PRO A 1135 25.99 2.85 -24.90
N ARG A 1136 25.30 3.22 -25.97
CA ARG A 1136 25.64 4.43 -26.67
C ARG A 1136 25.02 5.66 -25.99
N ALA A 1137 24.20 5.43 -24.98
CA ALA A 1137 23.75 6.54 -24.15
C ALA A 1137 24.71 6.64 -22.97
N HIS A 1138 25.15 5.48 -22.45
CA HIS A 1138 26.10 5.48 -21.34
C HIS A 1138 27.29 6.36 -21.57
N SER A 1139 27.70 6.41 -22.83
CA SER A 1139 28.81 7.24 -23.27
C SER A 1139 28.64 8.71 -22.86
N VAL A 1140 27.49 9.31 -23.17
CA VAL A 1140 27.29 10.71 -22.76
C VAL A 1140 26.93 10.88 -21.30
N TYR A 1141 26.25 9.90 -20.72
CA TYR A 1141 26.00 9.95 -19.29
C TYR A 1141 27.33 10.07 -18.58
N LEU A 1142 28.23 9.15 -18.90
CA LEU A 1142 29.54 9.11 -18.29
C LEU A 1142 30.35 10.38 -18.52
N LYS A 1143 30.20 10.95 -19.71
CA LYS A 1143 30.89 12.16 -20.09
C LYS A 1143 30.38 13.33 -19.28
N TYR A 1144 29.12 13.70 -19.44
CA TYR A 1144 28.63 14.83 -18.69
C TYR A 1144 28.50 14.55 -17.21
N ARG A 1145 28.75 13.31 -16.80
CA ARG A 1145 28.79 13.00 -15.37
C ARG A 1145 30.06 13.61 -14.76
N LYS A 1146 31.09 13.77 -15.57
CA LYS A 1146 32.33 14.36 -15.11
C LYS A 1146 32.16 15.82 -14.68
N LEU A 1147 31.19 16.50 -15.27
CA LEU A 1147 30.87 17.90 -14.95
C LEU A 1147 30.54 18.15 -13.49
N LEU A 1148 29.91 17.19 -12.82
CA LEU A 1148 29.61 17.33 -11.39
C LEU A 1148 30.85 17.27 -10.50
N PRO A 1149 30.77 17.88 -9.29
CA PRO A 1149 31.85 17.78 -8.30
C PRO A 1149 32.24 16.35 -7.94
N LYS A 1150 33.51 16.15 -7.65
CA LYS A 1150 34.09 14.83 -7.36
C LYS A 1150 33.21 13.90 -6.50
N GLN A 1151 32.69 14.43 -5.39
CA GLN A 1151 31.83 13.65 -4.49
C GLN A 1151 30.44 13.44 -5.08
N LEU A 1152 30.04 14.35 -5.95
CA LEU A 1152 28.72 14.30 -6.56
C LEU A 1152 28.72 13.46 -7.84
N GLN A 1153 29.47 12.36 -7.82
CA GLN A 1153 29.52 11.48 -8.95
C GLN A 1153 29.43 10.09 -8.39
N ARG A 1154 29.77 9.96 -7.13
CA ARG A 1154 29.81 8.66 -6.48
C ARG A 1154 28.53 8.49 -5.65
N ASN A 1155 27.87 9.61 -5.38
CA ASN A 1155 26.67 9.65 -4.55
C ASN A 1155 25.48 9.15 -5.34
N THR A 1156 25.25 7.84 -5.30
CA THR A 1156 24.15 7.23 -6.05
C THR A 1156 22.96 6.90 -5.18
N ILE A 1157 21.81 6.84 -5.80
CA ILE A 1157 20.58 6.46 -5.10
C ILE A 1157 19.72 5.51 -5.99
N PRO A 1158 18.78 4.76 -5.38
CA PRO A 1158 17.90 3.96 -6.22
C PRO A 1158 16.98 4.89 -6.99
N ASP A 1159 16.37 4.43 -8.07
CA ASP A 1159 15.37 5.27 -8.70
C ASP A 1159 14.20 5.35 -7.73
N GLY A 1160 13.26 6.25 -8.01
CA GLY A 1160 12.09 6.42 -7.16
C GLY A 1160 12.48 6.84 -5.76
N TYR A 1161 13.39 7.80 -5.67
CA TYR A 1161 13.72 8.40 -4.39
C TYR A 1161 13.98 9.88 -4.50
N GLY A 1162 13.87 10.40 -5.71
CA GLY A 1162 14.09 11.81 -5.96
C GLY A 1162 15.24 12.05 -6.89
N ASP A 1163 15.66 13.31 -6.96
CA ASP A 1163 16.80 13.73 -7.80
C ASP A 1163 17.85 14.46 -6.99
N GLY A 1164 17.91 14.14 -5.70
CA GLY A 1164 18.88 14.74 -4.79
C GLY A 1164 20.24 14.14 -5.01
N ALA A 1165 20.30 13.19 -5.93
CA ALA A 1165 21.50 12.45 -6.23
C ALA A 1165 21.27 11.67 -7.51
N LEU A 1166 22.36 11.24 -8.12
CA LEU A 1166 22.28 10.43 -9.31
C LEU A 1166 21.77 9.06 -8.97
N VAL A 1167 20.87 8.53 -9.78
CA VAL A 1167 20.42 7.17 -9.59
C VAL A 1167 21.49 6.18 -10.07
N GLY A 1168 21.72 5.18 -9.24
CA GLY A 1168 22.74 4.18 -9.49
C GLY A 1168 22.55 3.16 -8.40
N SER A 1169 23.62 2.46 -8.05
CA SER A 1169 23.52 1.41 -7.04
C SER A 1169 23.95 1.98 -5.69
N VAL A 1170 23.00 2.07 -4.76
CA VAL A 1170 23.27 2.65 -3.44
C VAL A 1170 24.09 1.71 -2.55
N LEU A 1171 24.36 0.50 -3.05
CA LEU A 1171 25.21 -0.46 -2.34
C LEU A 1171 26.65 0.06 -2.33
N ILE A 1172 26.93 0.90 -3.33
CA ILE A 1172 28.26 1.46 -3.61
C ILE A 1172 28.53 2.76 -2.87
N ASN A 1173 27.47 3.51 -2.58
CA ASN A 1173 27.58 4.85 -2.03
C ASN A 1173 28.45 4.92 -0.80
N PRO A 1174 29.55 5.68 -0.90
CA PRO A 1174 30.54 5.84 0.15
C PRO A 1174 30.02 6.74 1.25
N PHE A 1175 28.99 7.51 0.90
CA PHE A 1175 28.45 8.52 1.80
C PHE A 1175 27.24 7.96 2.50
N ALA A 1176 26.89 6.74 2.10
CA ALA A 1176 25.77 6.04 2.67
C ALA A 1176 26.19 5.31 3.93
N LYS A 1177 25.63 5.74 5.07
CA LYS A 1177 25.99 5.17 6.36
C LYS A 1177 24.93 4.22 6.94
N ASN A 1178 25.39 3.21 7.66
CA ASN A 1178 24.54 2.13 8.16
C ASN A 1178 24.05 2.36 9.57
N ARG A 1179 23.07 3.23 9.71
CA ARG A 1179 22.59 3.55 11.04
C ARG A 1179 21.41 2.66 11.44
N GLY A 1180 21.54 2.01 12.59
CA GLY A 1180 20.45 1.29 13.22
C GLY A 1180 19.91 0.17 12.37
N TRP A 1181 20.82 -0.50 11.66
CA TRP A 1181 20.49 -1.57 10.72
C TRP A 1181 19.58 -1.12 9.62
N ILE A 1182 19.56 0.17 9.37
CA ILE A 1182 18.90 0.70 8.19
C ILE A 1182 19.85 1.66 7.49
N ARG A 1183 19.97 1.51 6.18
CA ARG A 1183 20.83 2.40 5.42
C ARG A 1183 20.18 3.78 5.25
N TYR A 1184 20.97 4.82 5.52
CA TYR A 1184 20.59 6.23 5.29
C TYR A 1184 21.49 6.89 4.27
N VAL A 1185 20.93 7.73 3.42
CA VAL A 1185 21.73 8.39 2.40
C VAL A 1185 21.48 9.91 2.39
N PRO A 1186 22.48 10.68 1.92
CA PRO A 1186 22.31 12.12 1.73
C PRO A 1186 21.90 12.54 0.30
N VAL A 1187 20.86 13.36 0.21
CA VAL A 1187 20.40 13.87 -1.08
C VAL A 1187 20.20 15.38 -1.05
N ILE A 1188 20.43 16.03 -2.19
CA ILE A 1188 20.26 17.49 -2.31
C ILE A 1188 18.82 17.90 -2.09
N THR A 1189 18.61 18.81 -1.14
CA THR A 1189 17.29 19.32 -0.85
C THR A 1189 17.34 20.77 -1.19
N ASP A 1190 16.19 21.40 -1.33
CA ASP A 1190 16.13 22.84 -1.48
C ASP A 1190 16.08 23.46 -0.10
N HIS A 1191 16.71 24.62 0.05
CA HIS A 1191 16.78 25.23 1.37
C HIS A 1191 15.54 26.00 1.71
N THR A 1192 15.21 26.01 2.98
CA THR A 1192 14.00 26.64 3.46
C THR A 1192 14.29 27.33 4.77
N ARG A 1193 14.34 28.66 4.74
CA ARG A 1193 14.20 29.42 5.96
C ARG A 1193 12.74 29.16 6.29
N ASP A 1194 12.43 29.03 7.57
CA ASP A 1194 11.04 28.81 7.95
C ASP A 1194 10.30 30.14 7.96
N ARG A 1195 8.99 30.10 8.20
CA ARG A 1195 8.20 31.31 8.25
C ARG A 1195 7.08 31.23 9.27
N GLU A 1196 6.25 32.26 9.32
CA GLU A 1196 5.19 32.34 10.30
C GLU A 1196 3.93 31.81 9.65
N ARG A 1197 3.17 30.97 10.36
CA ARG A 1197 1.88 30.51 9.84
C ARG A 1197 0.75 31.25 10.54
N ALA A 1198 -0.39 31.36 9.85
CA ALA A 1198 -1.52 32.05 10.45
C ALA A 1198 -2.21 31.11 11.41
N GLU A 1199 -1.90 31.23 12.69
CA GLU A 1199 -2.48 30.36 13.72
C GLU A 1199 -3.99 30.29 13.57
N LEU A 1200 -4.59 31.42 13.23
CA LEU A 1200 -6.01 31.49 12.90
C LEU A 1200 -6.35 30.58 11.73
N GLY A 1201 -5.93 30.99 10.54
CA GLY A 1201 -6.22 30.28 9.31
C GLY A 1201 -5.73 28.85 9.26
N SER A 1202 -4.70 28.52 10.01
CA SER A 1202 -4.20 27.17 10.03
C SER A 1202 -5.17 26.35 10.82
N TYR A 1203 -5.72 26.96 11.86
CA TYR A 1203 -6.62 26.23 12.73
C TYR A 1203 -7.97 26.13 12.07
N LEU A 1204 -8.29 27.16 11.31
CA LEU A 1204 -9.56 27.27 10.62
C LEU A 1204 -9.64 26.17 9.60
N TYR A 1205 -8.48 25.82 9.08
CA TYR A 1205 -8.32 24.87 7.98
C TYR A 1205 -8.29 23.46 8.55
N ASP A 1206 -7.43 23.24 9.54
CA ASP A 1206 -7.37 21.98 10.29
C ASP A 1206 -8.73 21.49 10.73
N LEU A 1207 -9.62 22.38 11.14
CA LEU A 1207 -10.95 21.95 11.56
C LEU A 1207 -11.93 21.91 10.40
N PHE A 1208 -11.54 22.51 9.29
CA PHE A 1208 -12.34 22.47 8.08
C PHE A 1208 -12.07 21.16 7.39
N SER A 1209 -10.84 20.67 7.59
CA SER A 1209 -10.41 19.38 7.10
C SER A 1209 -11.20 18.28 7.77
N ARG A 1210 -11.40 18.39 9.07
CA ARG A 1210 -12.22 17.42 9.79
C ARG A 1210 -13.70 17.50 9.45
N CYS A 1211 -14.13 18.58 8.81
CA CYS A 1211 -15.50 18.66 8.33
C CYS A 1211 -15.54 17.82 7.05
N LEU A 1212 -14.45 17.88 6.29
CA LEU A 1212 -14.33 17.18 5.01
C LEU A 1212 -13.89 15.72 5.15
N SER A 1213 -13.30 15.41 6.30
CA SER A 1213 -13.05 14.02 6.68
C SER A 1213 -14.38 13.41 7.06
N GLU A 1214 -15.06 14.05 8.02
CA GLU A 1214 -16.27 13.53 8.61
C GLU A 1214 -17.41 13.28 7.63
N SER A 1215 -17.47 14.08 6.58
CA SER A 1215 -18.44 13.88 5.51
C SER A 1215 -17.77 13.40 4.21
N ASN A 1216 -17.25 12.18 4.27
CA ASN A 1216 -16.68 11.50 3.11
C ASN A 1216 -16.57 10.02 3.48
N ALA A 1234 -0.91 -6.16 5.63
CA ALA A 1234 -0.76 -4.73 5.24
C ALA A 1234 -2.13 -4.02 5.24
N ILE A 1235 -2.89 -4.21 6.33
CA ILE A 1235 -4.17 -3.52 6.54
C ILE A 1235 -3.99 -2.54 7.70
N ASP A 1236 -2.91 -1.76 7.64
CA ASP A 1236 -2.54 -0.85 8.73
C ASP A 1236 -1.84 0.44 8.26
N GLN A 1237 -2.58 1.28 7.55
CA GLN A 1237 -2.13 2.64 7.26
C GLN A 1237 -3.12 3.59 7.93
N LEU A 1238 -4.20 3.01 8.47
CA LEU A 1238 -5.23 3.76 9.20
C LEU A 1238 -4.63 4.37 10.46
N ILE A 1239 -3.52 3.79 10.93
CA ILE A 1239 -2.78 4.32 12.08
C ILE A 1239 -2.27 5.74 11.82
N CYS A 1240 -1.72 5.96 10.62
CA CYS A 1240 -1.10 7.25 10.24
C CYS A 1240 -2.08 8.39 9.91
N ARG A 1241 -1.88 9.54 10.56
CA ARG A 1241 -2.79 10.68 10.44
C ARG A 1241 -2.32 11.76 9.44
N SER A 1242 -2.97 12.92 9.49
CA SER A 1242 -2.60 14.05 8.63
C SER A 1242 -1.70 15.06 9.36
N ASN A 1243 -1.02 15.91 8.57
CA ASN A 1243 0.06 16.77 9.05
C ASN A 1243 -0.30 18.23 9.39
N PRO A 1244 0.37 18.79 10.43
CA PRO A 1244 0.29 20.22 10.83
C PRO A 1244 0.71 21.13 9.69
N THR A 1245 0.22 22.36 9.69
CA THR A 1245 0.61 23.31 8.66
C THR A 1245 1.90 24.01 9.05
N LYS A 1246 2.92 23.93 8.21
CA LYS A 1246 4.11 24.78 8.40
C LYS A 1246 4.33 25.50 7.08
N ILE A 1247 4.84 26.71 7.13
CA ILE A 1247 5.20 27.39 5.89
C ILE A 1247 6.71 27.58 5.88
N SER A 1248 7.30 27.54 4.68
CA SER A 1248 8.74 27.72 4.52
C SER A 1248 9.00 28.40 3.18
N ARG A 1249 10.08 29.16 3.09
CA ARG A 1249 10.39 29.90 1.87
C ARG A 1249 11.67 29.41 1.20
N SER A 1250 11.57 29.08 -0.09
CA SER A 1250 12.72 28.66 -0.86
C SER A 1250 13.73 29.77 -0.91
N THR A 1251 14.92 29.48 -0.37
CA THR A 1251 15.98 30.47 -0.20
C THR A 1251 16.75 30.69 -1.52
N GLY A 1252 17.36 29.62 -2.03
CA GLY A 1252 18.22 29.67 -3.20
C GLY A 1252 19.38 28.70 -3.02
N LYS A 1253 19.92 28.67 -1.80
CA LYS A 1253 20.90 27.67 -1.39
C LYS A 1253 20.28 26.27 -1.47
N PHE A 1254 21.12 25.24 -1.47
CA PHE A 1254 20.66 23.87 -1.39
C PHE A 1254 21.13 23.28 -0.10
N ASP A 1255 20.25 22.64 0.63
CA ASP A 1255 20.70 21.90 1.80
C ASP A 1255 20.86 20.41 1.49
N ILE A 1256 21.58 19.69 2.35
CA ILE A 1256 21.65 18.23 2.25
C ILE A 1256 20.82 17.55 3.34
N GLN A 1257 19.70 16.96 2.93
CA GLN A 1257 18.85 16.15 3.83
C GLN A 1257 19.17 14.65 3.72
N TYR A 1258 19.09 13.95 4.86
CA TYR A 1258 19.27 12.50 4.88
C TYR A 1258 17.93 11.75 4.91
N ILE A 1259 17.85 10.68 4.11
CA ILE A 1259 16.66 9.83 3.99
C ILE A 1259 16.98 8.34 4.14
N ALA A 1260 15.97 7.49 3.99
CA ALA A 1260 16.16 6.05 4.10
C ALA A 1260 16.05 5.36 2.73
N CYS A 1261 16.79 4.27 2.53
CA CYS A 1261 16.81 3.61 1.23
C CYS A 1261 16.74 2.09 1.24
N SER A 1262 16.94 1.51 0.06
CA SER A 1262 16.90 0.06 -0.13
C SER A 1262 17.65 -0.35 -1.41
N SER A 1263 18.00 -1.62 -1.52
CA SER A 1263 18.70 -2.15 -2.70
C SER A 1263 17.82 -2.10 -3.96
N ARG A 1264 17.02 -3.15 -4.16
CA ARG A 1264 16.06 -3.24 -5.27
C ARG A 1264 14.84 -4.08 -4.88
#